data_6YHT
# 
_entry.id   6YHT 
# 
_audit_conform.dict_name       mmcif_pdbx.dic 
_audit_conform.dict_version    5.398 
_audit_conform.dict_location   http://mmcif.pdb.org/dictionaries/ascii/mmcif_pdbx.dic 
# 
loop_
_database_2.database_id 
_database_2.database_code 
_database_2.pdbx_database_accession 
_database_2.pdbx_DOI 
PDB   6YHT         pdb_00006yht 10.2210/pdb6yht/pdb 
WWPDB D_1292107647 ?            ?                   
# 
loop_
_pdbx_audit_revision_history.ordinal 
_pdbx_audit_revision_history.data_content_type 
_pdbx_audit_revision_history.major_revision 
_pdbx_audit_revision_history.minor_revision 
_pdbx_audit_revision_history.revision_date 
1 'Structure model' 1 0 2021-04-14 
2 'Structure model' 1 1 2021-10-27 
3 'Structure model' 1 2 2024-01-24 
4 'Structure model' 1 3 2024-11-06 
# 
_pdbx_audit_revision_details.ordinal             1 
_pdbx_audit_revision_details.revision_ordinal    1 
_pdbx_audit_revision_details.data_content_type   'Structure model' 
_pdbx_audit_revision_details.provider            repository 
_pdbx_audit_revision_details.type                'Initial release' 
_pdbx_audit_revision_details.description         ? 
_pdbx_audit_revision_details.details             ? 
# 
loop_
_pdbx_audit_revision_group.ordinal 
_pdbx_audit_revision_group.revision_ordinal 
_pdbx_audit_revision_group.data_content_type 
_pdbx_audit_revision_group.group 
1 2 'Structure model' 'Data collection'        
2 2 'Structure model' 'Database references'    
3 3 'Structure model' 'Data collection'        
4 3 'Structure model' 'Refinement description' 
5 4 'Structure model' 'Structure summary'      
# 
loop_
_pdbx_audit_revision_category.ordinal 
_pdbx_audit_revision_category.revision_ordinal 
_pdbx_audit_revision_category.data_content_type 
_pdbx_audit_revision_category.category 
1 2 'Structure model' citation                      
2 2 'Structure model' citation_author               
3 2 'Structure model' database_2                    
4 2 'Structure model' pdbx_database_proc            
5 3 'Structure model' chem_comp_atom                
6 3 'Structure model' chem_comp_bond                
7 3 'Structure model' pdbx_initial_refinement_model 
8 4 'Structure model' pdbx_entry_details            
9 4 'Structure model' pdbx_modification_feature     
# 
loop_
_pdbx_audit_revision_item.ordinal 
_pdbx_audit_revision_item.revision_ordinal 
_pdbx_audit_revision_item.data_content_type 
_pdbx_audit_revision_item.item 
1  2 'Structure model' '_citation.country'                            
2  2 'Structure model' '_citation.journal_abbrev'                     
3  2 'Structure model' '_citation.journal_id_ASTM'                    
4  2 'Structure model' '_citation.journal_id_CSD'                     
5  2 'Structure model' '_citation.journal_id_ISSN'                    
6  2 'Structure model' '_citation.journal_volume'                     
7  2 'Structure model' '_citation.page_first'                         
8  2 'Structure model' '_citation.page_last'                          
9  2 'Structure model' '_citation.pdbx_database_id_DOI'               
10 2 'Structure model' '_citation.pdbx_database_id_PubMed'            
11 2 'Structure model' '_citation.title'                              
12 2 'Structure model' '_citation.year'                               
13 2 'Structure model' '_database_2.pdbx_DOI'                         
14 2 'Structure model' '_database_2.pdbx_database_accession'          
15 4 'Structure model' '_pdbx_entry_details.has_protein_modification' 
# 
_pdbx_database_status.status_code                     REL 
_pdbx_database_status.status_code_sf                  REL 
_pdbx_database_status.status_code_mr                  ? 
_pdbx_database_status.entry_id                        6YHT 
_pdbx_database_status.recvd_initial_deposition_date   2020-03-31 
_pdbx_database_status.SG_entry                        N 
_pdbx_database_status.deposit_site                    PDBE 
_pdbx_database_status.process_site                    PDBE 
_pdbx_database_status.status_code_cs                  ? 
_pdbx_database_status.status_code_nmr_data            ? 
_pdbx_database_status.methods_development_category    ? 
_pdbx_database_status.pdb_format_compatible           Y 
# 
loop_
_audit_author.name 
_audit_author.pdbx_ordinal 
_audit_author.identifier_ORCID 
'Saikia, C.'       1 ? 
'Altman-Gueta, H.' 2 ? 
'Dym, O.'          3 ? 
'Frolow, F.'       4 ? 
'Gurevitz, M.'     5 ? 
'Gordon, D.'       6 ? 
'Reuveny, E.'      7 ? 
'Karbat, I.'       8 ? 
# 
_citation.abstract                  ? 
_citation.abstract_id_CAS           ? 
_citation.book_id_ISBN              ? 
_citation.book_publisher            ? 
_citation.book_publisher_city       ? 
_citation.book_title                ? 
_citation.coordinate_linkage        ? 
_citation.country                   UK 
_citation.database_id_Medline       ? 
_citation.details                   ? 
_citation.id                        primary 
_citation.journal_abbrev            J.Mol.Biol. 
_citation.journal_id_ASTM           JMOBAK 
_citation.journal_id_CSD            0070 
_citation.journal_id_ISSN           1089-8638 
_citation.journal_full              ? 
_citation.journal_issue             ? 
_citation.journal_volume            433 
_citation.language                  ? 
_citation.page_first                166957 
_citation.page_last                 166957 
_citation.title                     'A Molecular Lid Mechanism of K + Channel Blocker Action Revealed by a Cone Peptide.' 
_citation.year                      2021 
_citation.database_id_CSD           ? 
_citation.pdbx_database_id_DOI      10.1016/j.jmb.2021.166957 
_citation.pdbx_database_id_PubMed   33771569 
_citation.unpublished_flag          ? 
# 
loop_
_citation_author.citation_id 
_citation_author.name 
_citation_author.ordinal 
_citation_author.identifier_ORCID 
primary 'Saikia, C.'       1 ? 
primary 'Dym, O.'          2 ? 
primary 'Altman-Gueta, H.' 3 ? 
primary 'Gordon, D.'       4 ? 
primary 'Reuveny, E.'      5 ? 
primary 'Karbat, I.'       6 ? 
# 
loop_
_entity.id 
_entity.type 
_entity.src_method 
_entity.pdbx_description 
_entity.formula_weight 
_entity.pdbx_number_of_molecules 
_entity.pdbx_ec 
_entity.pdbx_mutation 
_entity.pdbx_fragment 
_entity.details 
1 polymer     man Conk-C1       6665.451 1  ? ? ? ? 
2 non-polymer syn 'SULFATE ION' 96.063   2  ? ? ? ? 
3 non-polymer syn 'CITRIC ACID' 192.124  1  ? ? ? ? 
4 water       nat water         18.015   10 ? ? ? ? 
# 
_entity_poly.entity_id                      1 
_entity_poly.type                           'polypeptide(L)' 
_entity_poly.nstd_linkage                   no 
_entity_poly.nstd_monomer                   no 
_entity_poly.pdbx_seq_one_letter_code       GLPSLCYEPADSGSGTKSEKRIYYNSARKQCLRFTYNGKGGNANNFIHTFDCQHTCLYK 
_entity_poly.pdbx_seq_one_letter_code_can   GLPSLCYEPADSGSGTKSEKRIYYNSARKQCLRFTYNGKGGNANNFIHTFDCQHTCLYK 
_entity_poly.pdbx_strand_id                 A 
_entity_poly.pdbx_target_identifier         ? 
# 
loop_
_pdbx_entity_nonpoly.entity_id 
_pdbx_entity_nonpoly.name 
_pdbx_entity_nonpoly.comp_id 
2 'SULFATE ION' SO4 
3 'CITRIC ACID' CIT 
4 water         HOH 
# 
loop_
_entity_poly_seq.entity_id 
_entity_poly_seq.num 
_entity_poly_seq.mon_id 
_entity_poly_seq.hetero 
1 1  GLY n 
1 2  LEU n 
1 3  PRO n 
1 4  SER n 
1 5  LEU n 
1 6  CYS n 
1 7  TYR n 
1 8  GLU n 
1 9  PRO n 
1 10 ALA n 
1 11 ASP n 
1 12 SER n 
1 13 GLY n 
1 14 SER n 
1 15 GLY n 
1 16 THR n 
1 17 LYS n 
1 18 SER n 
1 19 GLU n 
1 20 LYS n 
1 21 ARG n 
1 22 ILE n 
1 23 TYR n 
1 24 TYR n 
1 25 ASN n 
1 26 SER n 
1 27 ALA n 
1 28 ARG n 
1 29 LYS n 
1 30 GLN n 
1 31 CYS n 
1 32 LEU n 
1 33 ARG n 
1 34 PHE n 
1 35 THR n 
1 36 TYR n 
1 37 ASN n 
1 38 GLY n 
1 39 LYS n 
1 40 GLY n 
1 41 GLY n 
1 42 ASN n 
1 43 ALA n 
1 44 ASN n 
1 45 ASN n 
1 46 PHE n 
1 47 ILE n 
1 48 HIS n 
1 49 THR n 
1 50 PHE n 
1 51 ASP n 
1 52 CYS n 
1 53 GLN n 
1 54 HIS n 
1 55 THR n 
1 56 CYS n 
1 57 LEU n 
1 58 TYR n 
1 59 LYS n 
# 
_entity_src_gen.entity_id                          1 
_entity_src_gen.pdbx_src_id                        1 
_entity_src_gen.pdbx_alt_source_flag               sample 
_entity_src_gen.pdbx_seq_type                      'Biological sequence' 
_entity_src_gen.pdbx_beg_seq_num                   1 
_entity_src_gen.pdbx_end_seq_num                   59 
_entity_src_gen.gene_src_common_name               ? 
_entity_src_gen.gene_src_genus                     ? 
_entity_src_gen.pdbx_gene_src_gene                 ? 
_entity_src_gen.gene_src_species                   ? 
_entity_src_gen.gene_src_strain                    ? 
_entity_src_gen.gene_src_tissue                    ? 
_entity_src_gen.gene_src_tissue_fraction           ? 
_entity_src_gen.gene_src_details                   ? 
_entity_src_gen.pdbx_gene_src_fragment             ? 
_entity_src_gen.pdbx_gene_src_scientific_name      'Conus cocceus' 
_entity_src_gen.pdbx_gene_src_ncbi_taxonomy_id     2547880 
_entity_src_gen.pdbx_gene_src_variant              ? 
_entity_src_gen.pdbx_gene_src_cell_line            ? 
_entity_src_gen.pdbx_gene_src_atcc                 ? 
_entity_src_gen.pdbx_gene_src_organ                ? 
_entity_src_gen.pdbx_gene_src_organelle            ? 
_entity_src_gen.pdbx_gene_src_cell                 ? 
_entity_src_gen.pdbx_gene_src_cellular_location    ? 
_entity_src_gen.host_org_common_name               ? 
_entity_src_gen.pdbx_host_org_scientific_name      'Escherichia coli' 
_entity_src_gen.pdbx_host_org_ncbi_taxonomy_id     562 
_entity_src_gen.host_org_genus                     ? 
_entity_src_gen.pdbx_host_org_gene                 ? 
_entity_src_gen.pdbx_host_org_organ                ? 
_entity_src_gen.host_org_species                   ? 
_entity_src_gen.pdbx_host_org_tissue               ? 
_entity_src_gen.pdbx_host_org_tissue_fraction      ? 
_entity_src_gen.pdbx_host_org_strain               ? 
_entity_src_gen.pdbx_host_org_variant              ? 
_entity_src_gen.pdbx_host_org_cell_line            ? 
_entity_src_gen.pdbx_host_org_atcc                 ? 
_entity_src_gen.pdbx_host_org_culture_collection   ? 
_entity_src_gen.pdbx_host_org_cell                 ? 
_entity_src_gen.pdbx_host_org_organelle            ? 
_entity_src_gen.pdbx_host_org_cellular_location    ? 
_entity_src_gen.pdbx_host_org_vector_type          ? 
_entity_src_gen.pdbx_host_org_vector               ? 
_entity_src_gen.host_org_details                   ? 
_entity_src_gen.expression_system_id               ? 
_entity_src_gen.plasmid_name                       ? 
_entity_src_gen.plasmid_details                    ? 
_entity_src_gen.pdbx_description                   ? 
# 
loop_
_chem_comp.id 
_chem_comp.type 
_chem_comp.mon_nstd_flag 
_chem_comp.name 
_chem_comp.pdbx_synonyms 
_chem_comp.formula 
_chem_comp.formula_weight 
ALA 'L-peptide linking' y ALANINE         ? 'C3 H7 N O2'     89.093  
ARG 'L-peptide linking' y ARGININE        ? 'C6 H15 N4 O2 1' 175.209 
ASN 'L-peptide linking' y ASPARAGINE      ? 'C4 H8 N2 O3'    132.118 
ASP 'L-peptide linking' y 'ASPARTIC ACID' ? 'C4 H7 N O4'     133.103 
CIT non-polymer         . 'CITRIC ACID'   ? 'C6 H8 O7'       192.124 
CYS 'L-peptide linking' y CYSTEINE        ? 'C3 H7 N O2 S'   121.158 
GLN 'L-peptide linking' y GLUTAMINE       ? 'C5 H10 N2 O3'   146.144 
GLU 'L-peptide linking' y 'GLUTAMIC ACID' ? 'C5 H9 N O4'     147.129 
GLY 'peptide linking'   y GLYCINE         ? 'C2 H5 N O2'     75.067  
HIS 'L-peptide linking' y HISTIDINE       ? 'C6 H10 N3 O2 1' 156.162 
HOH non-polymer         . WATER           ? 'H2 O'           18.015  
ILE 'L-peptide linking' y ISOLEUCINE      ? 'C6 H13 N O2'    131.173 
LEU 'L-peptide linking' y LEUCINE         ? 'C6 H13 N O2'    131.173 
LYS 'L-peptide linking' y LYSINE          ? 'C6 H15 N2 O2 1' 147.195 
PHE 'L-peptide linking' y PHENYLALANINE   ? 'C9 H11 N O2'    165.189 
PRO 'L-peptide linking' y PROLINE         ? 'C5 H9 N O2'     115.130 
SER 'L-peptide linking' y SERINE          ? 'C3 H7 N O3'     105.093 
SO4 non-polymer         . 'SULFATE ION'   ? 'O4 S -2'        96.063  
THR 'L-peptide linking' y THREONINE       ? 'C4 H9 N O3'     119.119 
TYR 'L-peptide linking' y TYROSINE        ? 'C9 H11 N O3'    181.189 
# 
loop_
_pdbx_poly_seq_scheme.asym_id 
_pdbx_poly_seq_scheme.entity_id 
_pdbx_poly_seq_scheme.seq_id 
_pdbx_poly_seq_scheme.mon_id 
_pdbx_poly_seq_scheme.ndb_seq_num 
_pdbx_poly_seq_scheme.pdb_seq_num 
_pdbx_poly_seq_scheme.auth_seq_num 
_pdbx_poly_seq_scheme.pdb_mon_id 
_pdbx_poly_seq_scheme.auth_mon_id 
_pdbx_poly_seq_scheme.pdb_strand_id 
_pdbx_poly_seq_scheme.pdb_ins_code 
_pdbx_poly_seq_scheme.hetero 
A 1 1  GLY 1  2  ?  ?   ?   A . n 
A 1 2  LEU 2  3  3  LEU LEU A . n 
A 1 3  PRO 3  4  4  PRO PRO A . n 
A 1 4  SER 4  5  5  SER SER A . n 
A 1 5  LEU 5  6  6  LEU LEU A . n 
A 1 6  CYS 6  7  7  CYS CYS A . n 
A 1 7  TYR 7  8  8  TYR TYR A . n 
A 1 8  GLU 8  9  9  GLU GLU A . n 
A 1 9  PRO 9  10 10 PRO PRO A . n 
A 1 10 ALA 10 11 11 ALA ALA A . n 
A 1 11 ASP 11 12 12 ASP ASP A . n 
A 1 12 SER 12 13 13 SER SER A . n 
A 1 13 GLY 13 14 14 GLY GLY A . n 
A 1 14 SER 14 15 15 SER SER A . n 
A 1 15 GLY 15 16 16 GLY GLY A . n 
A 1 16 THR 16 17 17 THR THR A . n 
A 1 17 LYS 17 18 18 LYS LYS A . n 
A 1 18 SER 18 19 19 SER SER A . n 
A 1 19 GLU 19 20 20 GLU GLU A . n 
A 1 20 LYS 20 21 21 LYS LYS A . n 
A 1 21 ARG 21 22 22 ARG ARG A . n 
A 1 22 ILE 22 23 23 ILE ILE A . n 
A 1 23 TYR 23 24 24 TYR TYR A . n 
A 1 24 TYR 24 25 25 TYR TYR A . n 
A 1 25 ASN 25 26 26 ASN ASN A . n 
A 1 26 SER 26 27 27 SER SER A . n 
A 1 27 ALA 27 28 28 ALA ALA A . n 
A 1 28 ARG 28 29 29 ARG ARG A . n 
A 1 29 LYS 29 30 30 LYS LYS A . n 
A 1 30 GLN 30 31 31 GLN GLN A . n 
A 1 31 CYS 31 32 32 CYS CYS A . n 
A 1 32 LEU 32 33 33 LEU LEU A . n 
A 1 33 ARG 33 34 34 ARG ARG A . n 
A 1 34 PHE 34 35 35 PHE PHE A . n 
A 1 35 THR 35 36 36 THR THR A . n 
A 1 36 TYR 36 37 37 TYR TYR A . n 
A 1 37 ASN 37 38 38 ASN ASN A . n 
A 1 38 GLY 38 39 39 GLY GLY A . n 
A 1 39 LYS 39 40 40 LYS LYS A . n 
A 1 40 GLY 40 41 41 GLY GLY A . n 
A 1 41 GLY 41 42 42 GLY GLY A . n 
A 1 42 ASN 42 43 43 ASN ASN A . n 
A 1 43 ALA 43 44 44 ALA ALA A . n 
A 1 44 ASN 44 45 45 ASN ASN A . n 
A 1 45 ASN 45 46 46 ASN ASN A . n 
A 1 46 PHE 46 47 47 PHE PHE A . n 
A 1 47 ILE 47 48 48 ILE ILE A . n 
A 1 48 HIS 48 49 49 HIS HIS A . n 
A 1 49 THR 49 50 50 THR THR A . n 
A 1 50 PHE 50 51 51 PHE PHE A . n 
A 1 51 ASP 51 52 52 ASP ASP A . n 
A 1 52 CYS 52 53 53 CYS CYS A . n 
A 1 53 GLN 53 54 54 GLN GLN A . n 
A 1 54 HIS 54 55 55 HIS HIS A . n 
A 1 55 THR 55 56 56 THR THR A . n 
A 1 56 CYS 56 57 57 CYS CYS A . n 
A 1 57 LEU 57 58 58 LEU LEU A . n 
A 1 58 TYR 58 59 ?  ?   ?   A . n 
A 1 59 LYS 59 60 ?  ?   ?   A . n 
# 
loop_
_pdbx_entity_instance_feature.ordinal 
_pdbx_entity_instance_feature.comp_id 
_pdbx_entity_instance_feature.asym_id 
_pdbx_entity_instance_feature.seq_num 
_pdbx_entity_instance_feature.auth_comp_id 
_pdbx_entity_instance_feature.auth_asym_id 
_pdbx_entity_instance_feature.auth_seq_num 
_pdbx_entity_instance_feature.feature_type 
_pdbx_entity_instance_feature.details 
1 CIT ? ? CIT ? ? 'SUBJECT OF INVESTIGATION' ? 
2 SO4 ? ? SO4 ? ? 'SUBJECT OF INVESTIGATION' ? 
# 
loop_
_pdbx_nonpoly_scheme.asym_id 
_pdbx_nonpoly_scheme.entity_id 
_pdbx_nonpoly_scheme.mon_id 
_pdbx_nonpoly_scheme.ndb_seq_num 
_pdbx_nonpoly_scheme.pdb_seq_num 
_pdbx_nonpoly_scheme.auth_seq_num 
_pdbx_nonpoly_scheme.pdb_mon_id 
_pdbx_nonpoly_scheme.auth_mon_id 
_pdbx_nonpoly_scheme.pdb_strand_id 
_pdbx_nonpoly_scheme.pdb_ins_code 
B 2 SO4 1  101 71  SO4 SO4 A . 
C 2 SO4 1  102 72  SO4 SO4 A . 
D 3 CIT 1  103 426 CIT CIT A . 
E 4 HOH 1  201 98  HOH HOH A . 
E 4 HOH 2  202 94  HOH HOH A . 
E 4 HOH 3  203 93  HOH HOH A . 
E 4 HOH 4  204 92  HOH HOH A . 
E 4 HOH 5  205 99  HOH HOH A . 
E 4 HOH 6  206 97  HOH HOH A . 
E 4 HOH 7  207 102 HOH HOH A . 
E 4 HOH 8  208 91  HOH HOH A . 
E 4 HOH 9  209 96  HOH HOH A . 
E 4 HOH 10 210 100 HOH HOH A . 
# 
loop_
_pdbx_unobs_or_zero_occ_atoms.id 
_pdbx_unobs_or_zero_occ_atoms.PDB_model_num 
_pdbx_unobs_or_zero_occ_atoms.polymer_flag 
_pdbx_unobs_or_zero_occ_atoms.occupancy_flag 
_pdbx_unobs_or_zero_occ_atoms.auth_asym_id 
_pdbx_unobs_or_zero_occ_atoms.auth_comp_id 
_pdbx_unobs_or_zero_occ_atoms.auth_seq_id 
_pdbx_unobs_or_zero_occ_atoms.PDB_ins_code 
_pdbx_unobs_or_zero_occ_atoms.auth_atom_id 
_pdbx_unobs_or_zero_occ_atoms.label_alt_id 
_pdbx_unobs_or_zero_occ_atoms.label_asym_id 
_pdbx_unobs_or_zero_occ_atoms.label_comp_id 
_pdbx_unobs_or_zero_occ_atoms.label_seq_id 
_pdbx_unobs_or_zero_occ_atoms.label_atom_id 
1 1 Y 1 A LYS 18 ? CE ? A LYS 17 CE 
2 1 Y 1 A LYS 18 ? NZ ? A LYS 17 NZ 
3 1 Y 1 A LYS 40 ? CE ? A LYS 39 CE 
4 1 Y 1 A LYS 40 ? NZ ? A LYS 39 NZ 
# 
loop_
_software.citation_id 
_software.classification 
_software.compiler_name 
_software.compiler_version 
_software.contact_author 
_software.contact_author_email 
_software.date 
_software.description 
_software.dependencies 
_software.hardware 
_software.language 
_software.location 
_software.mods 
_software.name 
_software.os 
_software.os_version 
_software.type 
_software.version 
_software.pdbx_ordinal 
? refinement        ? ? ? ? ? ? ? ? ? ? ? PHENIX      ? ? ? 1.17.1_3660 1 
? 'data extraction' ? ? ? ? ? ? ? ? ? ? ? PDB_EXTRACT ? ? ? 3.25        2 
? 'data reduction'  ? ? ? ? ? ? ? ? ? ? ? HKL-2000    ? ? ? .           3 
? 'data scaling'    ? ? ? ? ? ? ? ? ? ? ? SCALEPACK   ? ? ? .           4 
? phasing           ? ? ? ? ? ? ? ? ? ? ? MOLREP      ? ? ? .           5 
# 
_cell.angle_alpha                  90.000 
_cell.angle_alpha_esd              ? 
_cell.angle_beta                   90.000 
_cell.angle_beta_esd               ? 
_cell.angle_gamma                  90.000 
_cell.angle_gamma_esd              ? 
_cell.entry_id                     6YHT 
_cell.details                      ? 
_cell.formula_units_Z              ? 
_cell.length_a                     68.609 
_cell.length_a_esd                 ? 
_cell.length_b                     68.609 
_cell.length_b_esd                 ? 
_cell.length_c                     68.609 
_cell.length_c_esd                 ? 
_cell.volume                       ? 
_cell.volume_esd                   ? 
_cell.Z_PDB                        12 
_cell.reciprocal_angle_alpha       ? 
_cell.reciprocal_angle_beta        ? 
_cell.reciprocal_angle_gamma       ? 
_cell.reciprocal_angle_alpha_esd   ? 
_cell.reciprocal_angle_beta_esd    ? 
_cell.reciprocal_angle_gamma_esd   ? 
_cell.reciprocal_length_a          ? 
_cell.reciprocal_length_b          ? 
_cell.reciprocal_length_c          ? 
_cell.reciprocal_length_a_esd      ? 
_cell.reciprocal_length_b_esd      ? 
_cell.reciprocal_length_c_esd      ? 
_cell.pdbx_unique_axis             ? 
# 
_symmetry.entry_id                         6YHT 
_symmetry.cell_setting                     ? 
_symmetry.Int_Tables_number                198 
_symmetry.space_group_name_Hall            ? 
_symmetry.space_group_name_H-M             'P 21 3' 
_symmetry.pdbx_full_space_group_name_H-M   ? 
# 
_exptl.absorpt_coefficient_mu     ? 
_exptl.absorpt_correction_T_max   ? 
_exptl.absorpt_correction_T_min   ? 
_exptl.absorpt_correction_type    ? 
_exptl.absorpt_process_details    ? 
_exptl.entry_id                   6YHT 
_exptl.crystals_number            1 
_exptl.details                    ? 
_exptl.method                     'X-RAY DIFFRACTION' 
_exptl.method_details             ? 
# 
_exptl_crystal.colour                      ? 
_exptl_crystal.density_diffrn              ? 
_exptl_crystal.density_Matthews            4.04 
_exptl_crystal.density_method              ? 
_exptl_crystal.density_percent_sol         69.54 
_exptl_crystal.description                 ? 
_exptl_crystal.F_000                       ? 
_exptl_crystal.id                          1 
_exptl_crystal.preparation                 ? 
_exptl_crystal.size_max                    ? 
_exptl_crystal.size_mid                    ? 
_exptl_crystal.size_min                    ? 
_exptl_crystal.size_rad                    ? 
_exptl_crystal.colour_lustre               ? 
_exptl_crystal.colour_modifier             ? 
_exptl_crystal.colour_primary              ? 
_exptl_crystal.density_meas                ? 
_exptl_crystal.density_meas_esd            ? 
_exptl_crystal.density_meas_gt             ? 
_exptl_crystal.density_meas_lt             ? 
_exptl_crystal.density_meas_temp           ? 
_exptl_crystal.density_meas_temp_esd       ? 
_exptl_crystal.density_meas_temp_gt        ? 
_exptl_crystal.density_meas_temp_lt        ? 
_exptl_crystal.pdbx_crystal_image_url      ? 
_exptl_crystal.pdbx_crystal_image_format   ? 
_exptl_crystal.pdbx_mosaicity              ? 
_exptl_crystal.pdbx_mosaicity_esd          ? 
# 
_exptl_crystal_grow.apparatus       ? 
_exptl_crystal_grow.atmosphere      ? 
_exptl_crystal_grow.crystal_id      1 
_exptl_crystal_grow.details         ? 
_exptl_crystal_grow.method          'VAPOR DIFFUSION, HANGING DROP' 
_exptl_crystal_grow.method_ref      ? 
_exptl_crystal_grow.pH              5.6 
_exptl_crystal_grow.pressure        ? 
_exptl_crystal_grow.pressure_esd    ? 
_exptl_crystal_grow.seeding         ? 
_exptl_crystal_grow.seeding_ref     ? 
_exptl_crystal_grow.temp            292 
_exptl_crystal_grow.temp_details    ? 
_exptl_crystal_grow.temp_esd        ? 
_exptl_crystal_grow.time            ? 
_exptl_crystal_grow.pdbx_details    
;0.100M Sodium citrate tribasic dihydrate pH 5.6
20.00% v/v Isopropanol
20.00% w/v Polyethylene glycol 4,000
;
_exptl_crystal_grow.pdbx_pH_range   ? 
# 
_diffrn.ambient_environment              ? 
_diffrn.ambient_temp                     100 
_diffrn.ambient_temp_details             ? 
_diffrn.ambient_temp_esd                 ? 
_diffrn.crystal_id                       1 
_diffrn.crystal_support                  ? 
_diffrn.crystal_treatment                ? 
_diffrn.details                          ? 
_diffrn.id                               1 
_diffrn.ambient_pressure                 ? 
_diffrn.ambient_pressure_esd             ? 
_diffrn.ambient_pressure_gt              ? 
_diffrn.ambient_pressure_lt              ? 
_diffrn.ambient_temp_gt                  ? 
_diffrn.ambient_temp_lt                  ? 
_diffrn.pdbx_serial_crystal_experiment   N 
# 
_diffrn_detector.details                      ? 
_diffrn_detector.detector                     PIXEL 
_diffrn_detector.diffrn_id                    1 
_diffrn_detector.type                         'DECTRIS PILATUS3 S 6M' 
_diffrn_detector.area_resol_mean              ? 
_diffrn_detector.dtime                        ? 
_diffrn_detector.pdbx_frames_total            ? 
_diffrn_detector.pdbx_collection_time_total   ? 
_diffrn_detector.pdbx_collection_date         2011-11-15 
_diffrn_detector.pdbx_frequency               ? 
# 
_diffrn_radiation.collimation                      ? 
_diffrn_radiation.diffrn_id                        1 
_diffrn_radiation.filter_edge                      ? 
_diffrn_radiation.inhomogeneity                    ? 
_diffrn_radiation.monochromator                    ? 
_diffrn_radiation.polarisn_norm                    ? 
_diffrn_radiation.polarisn_ratio                   ? 
_diffrn_radiation.probe                            ? 
_diffrn_radiation.type                             ? 
_diffrn_radiation.xray_symbol                      ? 
_diffrn_radiation.wavelength_id                    1 
_diffrn_radiation.pdbx_monochromatic_or_laue_m_l   M 
_diffrn_radiation.pdbx_wavelength_list             ? 
_diffrn_radiation.pdbx_wavelength                  ? 
_diffrn_radiation.pdbx_diffrn_protocol             'SINGLE WAVELENGTH' 
_diffrn_radiation.pdbx_analyzer                    ? 
_diffrn_radiation.pdbx_scattering_type             x-ray 
# 
_diffrn_radiation_wavelength.id           1 
_diffrn_radiation_wavelength.wavelength   0.97625 
_diffrn_radiation_wavelength.wt           1.0 
# 
_diffrn_source.current                     ? 
_diffrn_source.details                     ? 
_diffrn_source.diffrn_id                   1 
_diffrn_source.power                       ? 
_diffrn_source.size                        ? 
_diffrn_source.source                      SYNCHROTRON 
_diffrn_source.target                      ? 
_diffrn_source.type                        'ESRF BEAMLINE ID29' 
_diffrn_source.voltage                     ? 
_diffrn_source.take-off_angle              ? 
_diffrn_source.pdbx_wavelength_list        0.97625 
_diffrn_source.pdbx_wavelength             ? 
_diffrn_source.pdbx_synchrotron_beamline   ID29 
_diffrn_source.pdbx_synchrotron_site       ESRF 
# 
_reflns.B_iso_Wilson_estimate            ? 
_reflns.entry_id                         6YHT 
_reflns.data_reduction_details           ? 
_reflns.data_reduction_method            ? 
_reflns.d_resolution_high                2.15 
_reflns.d_resolution_low                 39.61 
_reflns.details                          ? 
_reflns.limit_h_max                      ? 
_reflns.limit_h_min                      ? 
_reflns.limit_k_max                      ? 
_reflns.limit_k_min                      ? 
_reflns.limit_l_max                      ? 
_reflns.limit_l_min                      ? 
_reflns.number_all                       ? 
_reflns.number_obs                       12142 
_reflns.observed_criterion               ? 
_reflns.observed_criterion_F_max         ? 
_reflns.observed_criterion_F_min         ? 
_reflns.observed_criterion_I_max         ? 
_reflns.observed_criterion_I_min         ? 
_reflns.observed_criterion_sigma_F       ? 
_reflns.observed_criterion_sigma_I       ? 
_reflns.percent_possible_obs             99.97 
_reflns.R_free_details                   ? 
_reflns.Rmerge_F_all                     ? 
_reflns.Rmerge_F_obs                     ? 
_reflns.Friedel_coverage                 ? 
_reflns.number_gt                        ? 
_reflns.threshold_expression             ? 
_reflns.pdbx_redundancy                  20 
_reflns.pdbx_Rmerge_I_obs                0.02 
_reflns.pdbx_Rmerge_I_all                ? 
_reflns.pdbx_Rsym_value                  ? 
_reflns.pdbx_netI_over_av_sigmaI         ? 
_reflns.pdbx_netI_over_sigmaI            20.58 
_reflns.pdbx_res_netI_over_av_sigmaI_2   ? 
_reflns.pdbx_res_netI_over_sigmaI_2      ? 
_reflns.pdbx_chi_squared                 ? 
_reflns.pdbx_scaling_rejects             ? 
_reflns.pdbx_d_res_high_opt              ? 
_reflns.pdbx_d_res_low_opt               ? 
_reflns.pdbx_d_res_opt_method            ? 
_reflns.phase_calculation_details        ? 
_reflns.pdbx_Rrim_I_all                  0.027 
_reflns.pdbx_Rpim_I_all                  0.02 
_reflns.pdbx_d_opt                       ? 
_reflns.pdbx_number_measured_all         ? 
_reflns.pdbx_diffrn_id                   1 
_reflns.pdbx_ordinal                     1 
_reflns.pdbx_CC_half                     0.999 
_reflns.pdbx_CC_star                     ? 
_reflns.pdbx_R_split                     ? 
# 
_reflns_shell.d_res_high                  2.15 
_reflns_shell.d_res_low                   2.227 
_reflns_shell.meanI_over_sigI_all         ? 
_reflns_shell.meanI_over_sigI_obs         1.91 
_reflns_shell.number_measured_all         ? 
_reflns_shell.number_measured_obs         ? 
_reflns_shell.number_possible             ? 
_reflns_shell.number_unique_all           ? 
_reflns_shell.number_unique_obs           1206 
_reflns_shell.percent_possible_all        100 
_reflns_shell.percent_possible_obs        ? 
_reflns_shell.Rmerge_F_all                ? 
_reflns_shell.Rmerge_F_obs                ? 
_reflns_shell.Rmerge_I_all                ? 
_reflns_shell.Rmerge_I_obs                0.3515 
_reflns_shell.meanI_over_sigI_gt          ? 
_reflns_shell.meanI_over_uI_all           ? 
_reflns_shell.meanI_over_uI_gt            ? 
_reflns_shell.number_measured_gt          ? 
_reflns_shell.number_unique_gt            ? 
_reflns_shell.percent_possible_gt         ? 
_reflns_shell.Rmerge_F_gt                 ? 
_reflns_shell.Rmerge_I_gt                 ? 
_reflns_shell.pdbx_redundancy             ? 
_reflns_shell.pdbx_Rsym_value             ? 
_reflns_shell.pdbx_chi_squared            ? 
_reflns_shell.pdbx_netI_over_sigmaI_all   ? 
_reflns_shell.pdbx_netI_over_sigmaI_obs   ? 
_reflns_shell.pdbx_Rrim_I_all             0.4971 
_reflns_shell.pdbx_Rpim_I_all             0.3515 
_reflns_shell.pdbx_rejects                ? 
_reflns_shell.pdbx_ordinal                1 
_reflns_shell.pdbx_diffrn_id              1 
_reflns_shell.pdbx_CC_half                0.695 
_reflns_shell.pdbx_CC_star                ? 
_reflns_shell.pdbx_R_split                ? 
# 
_refine.aniso_B[1][1]                            ? 
_refine.aniso_B[1][2]                            ? 
_refine.aniso_B[1][3]                            ? 
_refine.aniso_B[2][2]                            ? 
_refine.aniso_B[2][3]                            ? 
_refine.aniso_B[3][3]                            ? 
_refine.B_iso_max                                98.670 
_refine.B_iso_mean                               63.6919 
_refine.B_iso_min                                30.000 
_refine.correlation_coeff_Fo_to_Fc               ? 
_refine.correlation_coeff_Fo_to_Fc_free          ? 
_refine.details                                  ? 
_refine.diff_density_max                         ? 
_refine.diff_density_max_esd                     ? 
_refine.diff_density_min                         ? 
_refine.diff_density_min_esd                     ? 
_refine.diff_density_rms                         ? 
_refine.diff_density_rms_esd                     ? 
_refine.entry_id                                 6YHT 
_refine.pdbx_refine_id                           'X-RAY DIFFRACTION' 
_refine.ls_abs_structure_details                 ? 
_refine.ls_abs_structure_Flack                   ? 
_refine.ls_abs_structure_Flack_esd               ? 
_refine.ls_abs_structure_Rogers                  ? 
_refine.ls_abs_structure_Rogers_esd              ? 
_refine.ls_d_res_high                            2.1500 
_refine.ls_d_res_low                             39.6100 
_refine.ls_extinction_coef                       ? 
_refine.ls_extinction_coef_esd                   ? 
_refine.ls_extinction_expression                 ? 
_refine.ls_extinction_method                     ? 
_refine.ls_goodness_of_fit_all                   ? 
_refine.ls_goodness_of_fit_all_esd               ? 
_refine.ls_goodness_of_fit_obs                   ? 
_refine.ls_goodness_of_fit_obs_esd               ? 
_refine.ls_hydrogen_treatment                    ? 
_refine.ls_matrix_type                           ? 
_refine.ls_number_constraints                    ? 
_refine.ls_number_parameters                     ? 
_refine.ls_number_reflns_all                     ? 
_refine.ls_number_reflns_obs                     11362 
_refine.ls_number_reflns_R_free                  562 
_refine.ls_number_reflns_R_work                  10800 
_refine.ls_number_restraints                     ? 
_refine.ls_percent_reflns_obs                    99.9800 
_refine.ls_percent_reflns_R_free                 4.9500 
_refine.ls_R_factor_all                          ? 
_refine.ls_R_factor_obs                          0.2064 
_refine.ls_R_factor_R_free                       0.2218 
_refine.ls_R_factor_R_free_error                 ? 
_refine.ls_R_factor_R_free_error_details         ? 
_refine.ls_R_factor_R_work                       0.2056 
_refine.ls_R_Fsqd_factor_obs                     ? 
_refine.ls_R_I_factor_obs                        ? 
_refine.ls_redundancy_reflns_all                 ? 
_refine.ls_redundancy_reflns_obs                 ? 
_refine.ls_restrained_S_all                      ? 
_refine.ls_restrained_S_obs                      ? 
_refine.ls_shift_over_esd_max                    ? 
_refine.ls_shift_over_esd_mean                   ? 
_refine.ls_structure_factor_coef                 ? 
_refine.ls_weighting_details                     ? 
_refine.ls_weighting_scheme                      ? 
_refine.ls_wR_factor_all                         ? 
_refine.ls_wR_factor_obs                         ? 
_refine.ls_wR_factor_R_free                      ? 
_refine.ls_wR_factor_R_work                      ? 
_refine.occupancy_max                            ? 
_refine.occupancy_min                            ? 
_refine.solvent_model_details                    'FLAT BULK SOLVENT MODEL' 
_refine.solvent_model_param_bsol                 ? 
_refine.solvent_model_param_ksol                 ? 
_refine.pdbx_R_complete                          ? 
_refine.ls_R_factor_gt                           ? 
_refine.ls_goodness_of_fit_gt                    ? 
_refine.ls_goodness_of_fit_ref                   ? 
_refine.ls_shift_over_su_max                     ? 
_refine.ls_shift_over_su_max_lt                  ? 
_refine.ls_shift_over_su_mean                    ? 
_refine.ls_shift_over_su_mean_lt                 ? 
_refine.pdbx_ls_sigma_I                          ? 
_refine.pdbx_ls_sigma_F                          1.370 
_refine.pdbx_ls_sigma_Fsqd                       ? 
_refine.pdbx_data_cutoff_high_absF               ? 
_refine.pdbx_data_cutoff_high_rms_absF           ? 
_refine.pdbx_data_cutoff_low_absF                ? 
_refine.pdbx_isotropic_thermal_model             ? 
_refine.pdbx_ls_cross_valid_method               THROUGHOUT 
_refine.pdbx_method_to_determine_struct          'MOLECULAR REPLACEMENT' 
_refine.pdbx_starting_model                      1Y62 
_refine.pdbx_stereochemistry_target_values       ML 
_refine.pdbx_R_Free_selection_details            ? 
_refine.pdbx_stereochem_target_val_spec_case     ? 
_refine.pdbx_overall_ESU_R                       ? 
_refine.pdbx_overall_ESU_R_Free                  ? 
_refine.pdbx_solvent_vdw_probe_radii             1.1100 
_refine.pdbx_solvent_ion_probe_radii             ? 
_refine.pdbx_solvent_shrinkage_radii             0.9000 
_refine.pdbx_real_space_R                        ? 
_refine.pdbx_density_correlation                 ? 
_refine.pdbx_pd_number_of_powder_patterns        ? 
_refine.pdbx_pd_number_of_points                 ? 
_refine.pdbx_pd_meas_number_of_points            ? 
_refine.pdbx_pd_proc_ls_prof_R_factor            ? 
_refine.pdbx_pd_proc_ls_prof_wR_factor           ? 
_refine.pdbx_pd_Marquardt_correlation_coeff      ? 
_refine.pdbx_pd_Fsqrd_R_factor                   ? 
_refine.pdbx_pd_ls_matrix_band_width             ? 
_refine.pdbx_overall_phase_error                 26.9800 
_refine.pdbx_overall_SU_R_free_Cruickshank_DPI   ? 
_refine.pdbx_overall_SU_R_free_Blow_DPI          ? 
_refine.pdbx_overall_SU_R_Blow_DPI               ? 
_refine.pdbx_TLS_residual_ADP_flag               ? 
_refine.pdbx_diffrn_id                           1 
_refine.overall_SU_B                             ? 
_refine.overall_SU_ML                            0.2000 
_refine.overall_SU_R_Cruickshank_DPI             ? 
_refine.overall_SU_R_free                        ? 
_refine.overall_FOM_free_R_set                   ? 
_refine.overall_FOM_work_R_set                   ? 
_refine.pdbx_average_fsc_overall                 ? 
_refine.pdbx_average_fsc_work                    ? 
_refine.pdbx_average_fsc_free                    ? 
# 
_refine_hist.pdbx_refine_id                   'X-RAY DIFFRACTION' 
_refine_hist.cycle_id                         final 
_refine_hist.details                          ? 
_refine_hist.d_res_high                       2.1500 
_refine_hist.d_res_low                        39.6100 
_refine_hist.number_atoms_solvent             10 
_refine_hist.number_atoms_total               468 
_refine_hist.number_reflns_all                ? 
_refine_hist.number_reflns_obs                ? 
_refine_hist.number_reflns_R_free             ? 
_refine_hist.number_reflns_R_work             ? 
_refine_hist.R_factor_all                     ? 
_refine_hist.R_factor_obs                     ? 
_refine_hist.R_factor_R_free                  ? 
_refine_hist.R_factor_R_work                  ? 
_refine_hist.pdbx_number_residues_total       56 
_refine_hist.pdbx_B_iso_mean_ligand           82.72 
_refine_hist.pdbx_B_iso_mean_solvent          56.97 
_refine_hist.pdbx_number_atoms_protein        438 
_refine_hist.pdbx_number_atoms_nucleic_acid   0 
_refine_hist.pdbx_number_atoms_ligand         20 
_refine_hist.pdbx_number_atoms_lipid          ? 
_refine_hist.pdbx_number_atoms_carb           ? 
_refine_hist.pdbx_pseudo_atom_details         ? 
# 
loop_
_refine_ls_shell.pdbx_refine_id 
_refine_ls_shell.d_res_high 
_refine_ls_shell.d_res_low 
_refine_ls_shell.number_reflns_all 
_refine_ls_shell.number_reflns_obs 
_refine_ls_shell.number_reflns_R_free 
_refine_ls_shell.number_reflns_R_work 
_refine_ls_shell.percent_reflns_obs 
_refine_ls_shell.percent_reflns_R_free 
_refine_ls_shell.R_factor_all 
_refine_ls_shell.R_factor_obs 
_refine_ls_shell.R_factor_R_free 
_refine_ls_shell.R_factor_R_free_error 
_refine_ls_shell.R_factor_R_work 
_refine_ls_shell.redundancy_reflns_all 
_refine_ls_shell.redundancy_reflns_obs 
_refine_ls_shell.wR_factor_all 
_refine_ls_shell.wR_factor_obs 
_refine_ls_shell.wR_factor_R_free 
_refine_ls_shell.wR_factor_R_work 
_refine_ls_shell.pdbx_R_complete 
_refine_ls_shell.pdbx_total_number_of_bins_used 
_refine_ls_shell.pdbx_phase_error 
_refine_ls_shell.pdbx_fsc_work 
_refine_ls_shell.pdbx_fsc_free 
'X-RAY DIFFRACTION' 2.1500 2.3700  2863 . 148 2715 100.0000 . . . 0.3174 0.0000 0.2722 . . . . . . . 4 . . . 
'X-RAY DIFFRACTION' 2.3700 2.7100  2813 . 142 2671 100.0000 . . . 0.2942 0.0000 0.2756 . . . . . . . 4 . . . 
'X-RAY DIFFRACTION' 2.7100 3.4100  2837 . 136 2701 100.0000 . . . 0.2954 0.0000 0.2501 . . . . . . . 4 . . . 
'X-RAY DIFFRACTION' 3.4100 39.6100 2849 . 136 2713 100.0000 . . . 0.1750 0.0000 0.1735 . . . . . . . 4 . . . 
# 
_struct.entry_id                     6YHT 
_struct.title                        'A lid blocking mechanism of a cone snail toxin revealed at the atomic level' 
_struct.pdbx_model_details           ? 
_struct.pdbx_formula_weight          ? 
_struct.pdbx_formula_weight_method   ? 
_struct.pdbx_model_type_details      ? 
_struct.pdbx_CASP_flag               N 
# 
_struct_keywords.entry_id        6YHT 
_struct_keywords.text            'conkunitzin-3, TOXIN' 
_struct_keywords.pdbx_keywords   TOXIN 
# 
loop_
_struct_asym.id 
_struct_asym.pdbx_blank_PDB_chainid_flag 
_struct_asym.pdbx_modified 
_struct_asym.entity_id 
_struct_asym.details 
A N N 1 ? 
B N N 2 ? 
C N N 2 ? 
D N N 3 ? 
E N N 4 ? 
# 
_struct_ref.id                         1 
_struct_ref.db_name                    PDB 
_struct_ref.db_code                    6YHT 
_struct_ref.pdbx_db_accession          6YHT 
_struct_ref.pdbx_db_isoform            ? 
_struct_ref.entity_id                  1 
_struct_ref.pdbx_seq_one_letter_code   ? 
_struct_ref.pdbx_align_begin           1 
# 
_struct_ref_seq.align_id                      1 
_struct_ref_seq.ref_id                        1 
_struct_ref_seq.pdbx_PDB_id_code              6YHT 
_struct_ref_seq.pdbx_strand_id                A 
_struct_ref_seq.seq_align_beg                 1 
_struct_ref_seq.pdbx_seq_align_beg_ins_code   ? 
_struct_ref_seq.seq_align_end                 59 
_struct_ref_seq.pdbx_seq_align_end_ins_code   ? 
_struct_ref_seq.pdbx_db_accession             6YHT 
_struct_ref_seq.db_align_beg                  2 
_struct_ref_seq.pdbx_db_align_beg_ins_code    ? 
_struct_ref_seq.db_align_end                  60 
_struct_ref_seq.pdbx_db_align_end_ins_code    ? 
_struct_ref_seq.pdbx_auth_seq_align_beg       2 
_struct_ref_seq.pdbx_auth_seq_align_end       60 
# 
_pdbx_struct_assembly.id                   1 
_pdbx_struct_assembly.details              author_and_software_defined_assembly 
_pdbx_struct_assembly.method_details       PISA 
_pdbx_struct_assembly.oligomeric_details   monomeric 
_pdbx_struct_assembly.oligomeric_count     1 
# 
loop_
_pdbx_struct_assembly_prop.biol_id 
_pdbx_struct_assembly_prop.type 
_pdbx_struct_assembly_prop.value 
_pdbx_struct_assembly_prop.details 
1 'ABSA (A^2)' 340  ? 
1 MORE         -9   ? 
1 'SSA (A^2)'  3980 ? 
# 
_pdbx_struct_assembly_gen.assembly_id       1 
_pdbx_struct_assembly_gen.oper_expression   1 
_pdbx_struct_assembly_gen.asym_id_list      A,B,C,D,E 
# 
_pdbx_struct_assembly_auth_evidence.id                     1 
_pdbx_struct_assembly_auth_evidence.assembly_id            1 
_pdbx_struct_assembly_auth_evidence.experimental_support   'gel filtration' 
_pdbx_struct_assembly_auth_evidence.details                ? 
# 
_pdbx_struct_oper_list.id                   1 
_pdbx_struct_oper_list.type                 'identity operation' 
_pdbx_struct_oper_list.name                 1_555 
_pdbx_struct_oper_list.symmetry_operation   x,y,z 
_pdbx_struct_oper_list.matrix[1][1]         1.0000000000 
_pdbx_struct_oper_list.matrix[1][2]         0.0000000000 
_pdbx_struct_oper_list.matrix[1][3]         0.0000000000 
_pdbx_struct_oper_list.vector[1]            0.0000000000 
_pdbx_struct_oper_list.matrix[2][1]         0.0000000000 
_pdbx_struct_oper_list.matrix[2][2]         1.0000000000 
_pdbx_struct_oper_list.matrix[2][3]         0.0000000000 
_pdbx_struct_oper_list.vector[2]            0.0000000000 
_pdbx_struct_oper_list.matrix[3][1]         0.0000000000 
_pdbx_struct_oper_list.matrix[3][2]         0.0000000000 
_pdbx_struct_oper_list.matrix[3][3]         1.0000000000 
_pdbx_struct_oper_list.vector[3]            0.0000000000 
# 
loop_
_struct_conf.conf_type_id 
_struct_conf.id 
_struct_conf.pdbx_PDB_helix_id 
_struct_conf.beg_label_comp_id 
_struct_conf.beg_label_asym_id 
_struct_conf.beg_label_seq_id 
_struct_conf.pdbx_beg_PDB_ins_code 
_struct_conf.end_label_comp_id 
_struct_conf.end_label_asym_id 
_struct_conf.end_label_seq_id 
_struct_conf.pdbx_end_PDB_ins_code 
_struct_conf.beg_auth_comp_id 
_struct_conf.beg_auth_asym_id 
_struct_conf.beg_auth_seq_id 
_struct_conf.end_auth_comp_id 
_struct_conf.end_auth_asym_id 
_struct_conf.end_auth_seq_id 
_struct_conf.pdbx_PDB_helix_class 
_struct_conf.details 
_struct_conf.pdbx_PDB_helix_length 
HELX_P HELX_P1 AA1 PRO A 3  ? GLU A 8  ? PRO A 4  GLU A 9  5 ? 6  
HELX_P HELX_P2 AA2 HIS A 48 ? LEU A 57 ? HIS A 49 LEU A 58 1 ? 10 
# 
_struct_conf_type.id          HELX_P 
_struct_conf_type.criteria    ? 
_struct_conf_type.reference   ? 
# 
loop_
_struct_conn.id 
_struct_conn.conn_type_id 
_struct_conn.pdbx_leaving_atom_flag 
_struct_conn.pdbx_PDB_id 
_struct_conn.ptnr1_label_asym_id 
_struct_conn.ptnr1_label_comp_id 
_struct_conn.ptnr1_label_seq_id 
_struct_conn.ptnr1_label_atom_id 
_struct_conn.pdbx_ptnr1_label_alt_id 
_struct_conn.pdbx_ptnr1_PDB_ins_code 
_struct_conn.pdbx_ptnr1_standard_comp_id 
_struct_conn.ptnr1_symmetry 
_struct_conn.ptnr2_label_asym_id 
_struct_conn.ptnr2_label_comp_id 
_struct_conn.ptnr2_label_seq_id 
_struct_conn.ptnr2_label_atom_id 
_struct_conn.pdbx_ptnr2_label_alt_id 
_struct_conn.pdbx_ptnr2_PDB_ins_code 
_struct_conn.ptnr1_auth_asym_id 
_struct_conn.ptnr1_auth_comp_id 
_struct_conn.ptnr1_auth_seq_id 
_struct_conn.ptnr2_auth_asym_id 
_struct_conn.ptnr2_auth_comp_id 
_struct_conn.ptnr2_auth_seq_id 
_struct_conn.ptnr2_symmetry 
_struct_conn.pdbx_ptnr3_label_atom_id 
_struct_conn.pdbx_ptnr3_label_seq_id 
_struct_conn.pdbx_ptnr3_label_comp_id 
_struct_conn.pdbx_ptnr3_label_asym_id 
_struct_conn.pdbx_ptnr3_label_alt_id 
_struct_conn.pdbx_ptnr3_PDB_ins_code 
_struct_conn.details 
_struct_conn.pdbx_dist_value 
_struct_conn.pdbx_value_order 
_struct_conn.pdbx_role 
disulf1 disulf ? ? A CYS 6  SG ? ? ? 1_555 A CYS 56 SG ? ? A CYS 7  A CYS 57 1_555 ? ? ? ? ? ? ? 2.006 ? ? 
disulf2 disulf ? ? A CYS 31 SG ? ? ? 1_555 A CYS 52 SG ? ? A CYS 32 A CYS 53 1_555 ? ? ? ? ? ? ? 2.022 ? ? 
# 
_struct_conn_type.id          disulf 
_struct_conn_type.criteria    ? 
_struct_conn_type.reference   ? 
# 
loop_
_pdbx_modification_feature.ordinal 
_pdbx_modification_feature.label_comp_id 
_pdbx_modification_feature.label_asym_id 
_pdbx_modification_feature.label_seq_id 
_pdbx_modification_feature.label_alt_id 
_pdbx_modification_feature.modified_residue_label_comp_id 
_pdbx_modification_feature.modified_residue_label_asym_id 
_pdbx_modification_feature.modified_residue_label_seq_id 
_pdbx_modification_feature.modified_residue_label_alt_id 
_pdbx_modification_feature.auth_comp_id 
_pdbx_modification_feature.auth_asym_id 
_pdbx_modification_feature.auth_seq_id 
_pdbx_modification_feature.PDB_ins_code 
_pdbx_modification_feature.symmetry 
_pdbx_modification_feature.modified_residue_auth_comp_id 
_pdbx_modification_feature.modified_residue_auth_asym_id 
_pdbx_modification_feature.modified_residue_auth_seq_id 
_pdbx_modification_feature.modified_residue_PDB_ins_code 
_pdbx_modification_feature.modified_residue_symmetry 
_pdbx_modification_feature.comp_id_linking_atom 
_pdbx_modification_feature.modified_residue_id_linking_atom 
_pdbx_modification_feature.modified_residue_id 
_pdbx_modification_feature.ref_pcm_id 
_pdbx_modification_feature.ref_comp_id 
_pdbx_modification_feature.type 
_pdbx_modification_feature.category 
1 CYS A 6  ? CYS A 56 ? CYS A 7  ? 1_555 CYS A 57 ? 1_555 SG SG . . . None 'Disulfide bridge' 
2 CYS A 31 ? CYS A 52 ? CYS A 32 ? 1_555 CYS A 53 ? 1_555 SG SG . . . None 'Disulfide bridge' 
# 
_struct_sheet.id               AA1 
_struct_sheet.type             ? 
_struct_sheet.number_strands   2 
_struct_sheet.details          ? 
# 
_struct_sheet_order.sheet_id     AA1 
_struct_sheet_order.range_id_1   1 
_struct_sheet_order.range_id_2   2 
_struct_sheet_order.offset       ? 
_struct_sheet_order.sense        anti-parallel 
# 
loop_
_struct_sheet_range.sheet_id 
_struct_sheet_range.id 
_struct_sheet_range.beg_label_comp_id 
_struct_sheet_range.beg_label_asym_id 
_struct_sheet_range.beg_label_seq_id 
_struct_sheet_range.pdbx_beg_PDB_ins_code 
_struct_sheet_range.end_label_comp_id 
_struct_sheet_range.end_label_asym_id 
_struct_sheet_range.end_label_seq_id 
_struct_sheet_range.pdbx_end_PDB_ins_code 
_struct_sheet_range.beg_auth_comp_id 
_struct_sheet_range.beg_auth_asym_id 
_struct_sheet_range.beg_auth_seq_id 
_struct_sheet_range.end_auth_comp_id 
_struct_sheet_range.end_auth_asym_id 
_struct_sheet_range.end_auth_seq_id 
AA1 1 GLU A 19 ? ASN A 25 ? GLU A 20 ASN A 26 
AA1 2 GLN A 30 ? TYR A 36 ? GLN A 31 TYR A 37 
# 
_pdbx_struct_sheet_hbond.sheet_id                AA1 
_pdbx_struct_sheet_hbond.range_id_1              1 
_pdbx_struct_sheet_hbond.range_id_2              2 
_pdbx_struct_sheet_hbond.range_1_label_atom_id   N 
_pdbx_struct_sheet_hbond.range_1_label_comp_id   TYR 
_pdbx_struct_sheet_hbond.range_1_label_asym_id   A 
_pdbx_struct_sheet_hbond.range_1_label_seq_id    23 
_pdbx_struct_sheet_hbond.range_1_PDB_ins_code    ? 
_pdbx_struct_sheet_hbond.range_1_auth_atom_id    N 
_pdbx_struct_sheet_hbond.range_1_auth_comp_id    TYR 
_pdbx_struct_sheet_hbond.range_1_auth_asym_id    A 
_pdbx_struct_sheet_hbond.range_1_auth_seq_id     24 
_pdbx_struct_sheet_hbond.range_2_label_atom_id   O 
_pdbx_struct_sheet_hbond.range_2_label_comp_id   LEU 
_pdbx_struct_sheet_hbond.range_2_label_asym_id   A 
_pdbx_struct_sheet_hbond.range_2_label_seq_id    32 
_pdbx_struct_sheet_hbond.range_2_PDB_ins_code    ? 
_pdbx_struct_sheet_hbond.range_2_auth_atom_id    O 
_pdbx_struct_sheet_hbond.range_2_auth_comp_id    LEU 
_pdbx_struct_sheet_hbond.range_2_auth_asym_id    A 
_pdbx_struct_sheet_hbond.range_2_auth_seq_id     33 
# 
loop_
_struct_site.id 
_struct_site.pdbx_evidence_code 
_struct_site.pdbx_auth_asym_id 
_struct_site.pdbx_auth_comp_id 
_struct_site.pdbx_auth_seq_id 
_struct_site.pdbx_auth_ins_code 
_struct_site.pdbx_num_residues 
_struct_site.details 
AC1 Software A SO4 101 ? 4 'binding site for residue SO4 A 101' 
AC2 Software A SO4 102 ? 3 'binding site for residue SO4 A 102' 
AC3 Software A CIT 103 ? 4 'binding site for residue CIT A 103' 
# 
loop_
_struct_site_gen.id 
_struct_site_gen.site_id 
_struct_site_gen.pdbx_num_res 
_struct_site_gen.label_comp_id 
_struct_site_gen.label_asym_id 
_struct_site_gen.label_seq_id 
_struct_site_gen.pdbx_auth_ins_code 
_struct_site_gen.auth_comp_id 
_struct_site_gen.auth_asym_id 
_struct_site_gen.auth_seq_id 
_struct_site_gen.label_atom_id 
_struct_site_gen.label_alt_id 
_struct_site_gen.symmetry 
_struct_site_gen.details 
1  AC1 4 ASN A 25 ? ASN A 26  . ? 11_545 ? 
2  AC1 4 ARG A 28 ? ARG A 29  . ? 11_545 ? 
3  AC1 4 ARG A 28 ? ARG A 29  . ? 8_544  ? 
4  AC1 4 HOH E .  ? HOH A 209 . ? 1_555  ? 
5  AC2 3 ILE A 47 ? ILE A 48  . ? 1_555  ? 
6  AC2 3 HIS A 48 ? HIS A 49  . ? 9_555  ? 
7  AC2 3 THR A 49 ? THR A 50  . ? 9_555  ? 
8  AC3 4 PRO A 3  ? PRO A 4   . ? 1_555  ? 
9  AC3 4 SER A 4  ? SER A 5   . ? 1_555  ? 
10 AC3 4 LEU A 5  ? LEU A 6   . ? 1_555  ? 
11 AC3 4 SER A 18 ? SER A 19  . ? 11_545 ? 
# 
_pdbx_entry_details.entry_id                   6YHT 
_pdbx_entry_details.nonpolymer_details         ? 
_pdbx_entry_details.sequence_details           ? 
_pdbx_entry_details.compound_details           ? 
_pdbx_entry_details.source_details             ? 
_pdbx_entry_details.has_ligand_of_interest     Y 
_pdbx_entry_details.has_protein_modification   Y 
# 
_pdbx_validate_torsion.id              1 
_pdbx_validate_torsion.PDB_model_num   1 
_pdbx_validate_torsion.auth_comp_id    SER 
_pdbx_validate_torsion.auth_asym_id    A 
_pdbx_validate_torsion.auth_seq_id     15 
_pdbx_validate_torsion.PDB_ins_code    ? 
_pdbx_validate_torsion.label_alt_id    ? 
_pdbx_validate_torsion.phi             -150.95 
_pdbx_validate_torsion.psi             -6.46 
# 
loop_
_pdbx_struct_special_symmetry.id 
_pdbx_struct_special_symmetry.PDB_model_num 
_pdbx_struct_special_symmetry.auth_asym_id 
_pdbx_struct_special_symmetry.auth_comp_id 
_pdbx_struct_special_symmetry.auth_seq_id 
_pdbx_struct_special_symmetry.PDB_ins_code 
_pdbx_struct_special_symmetry.label_asym_id 
_pdbx_struct_special_symmetry.label_comp_id 
_pdbx_struct_special_symmetry.label_seq_id 
1 1 A SO4 101 ? B SO4 . 
2 1 A SO4 101 ? B SO4 . 
# 
loop_
_pdbx_unobs_or_zero_occ_residues.id 
_pdbx_unobs_or_zero_occ_residues.PDB_model_num 
_pdbx_unobs_or_zero_occ_residues.polymer_flag 
_pdbx_unobs_or_zero_occ_residues.occupancy_flag 
_pdbx_unobs_or_zero_occ_residues.auth_asym_id 
_pdbx_unobs_or_zero_occ_residues.auth_comp_id 
_pdbx_unobs_or_zero_occ_residues.auth_seq_id 
_pdbx_unobs_or_zero_occ_residues.PDB_ins_code 
_pdbx_unobs_or_zero_occ_residues.label_asym_id 
_pdbx_unobs_or_zero_occ_residues.label_comp_id 
_pdbx_unobs_or_zero_occ_residues.label_seq_id 
1 1 Y 1 A GLY 2  ? A GLY 1  
2 1 Y 1 A TYR 59 ? A TYR 58 
3 1 Y 1 A LYS 60 ? A LYS 59 
# 
loop_
_chem_comp_atom.comp_id 
_chem_comp_atom.atom_id 
_chem_comp_atom.type_symbol 
_chem_comp_atom.pdbx_aromatic_flag 
_chem_comp_atom.pdbx_stereo_config 
_chem_comp_atom.pdbx_ordinal 
ALA N    N N N 1   
ALA CA   C N S 2   
ALA C    C N N 3   
ALA O    O N N 4   
ALA CB   C N N 5   
ALA OXT  O N N 6   
ALA H    H N N 7   
ALA H2   H N N 8   
ALA HA   H N N 9   
ALA HB1  H N N 10  
ALA HB2  H N N 11  
ALA HB3  H N N 12  
ALA HXT  H N N 13  
ARG N    N N N 14  
ARG CA   C N S 15  
ARG C    C N N 16  
ARG O    O N N 17  
ARG CB   C N N 18  
ARG CG   C N N 19  
ARG CD   C N N 20  
ARG NE   N N N 21  
ARG CZ   C N N 22  
ARG NH1  N N N 23  
ARG NH2  N N N 24  
ARG OXT  O N N 25  
ARG H    H N N 26  
ARG H2   H N N 27  
ARG HA   H N N 28  
ARG HB2  H N N 29  
ARG HB3  H N N 30  
ARG HG2  H N N 31  
ARG HG3  H N N 32  
ARG HD2  H N N 33  
ARG HD3  H N N 34  
ARG HE   H N N 35  
ARG HH11 H N N 36  
ARG HH12 H N N 37  
ARG HH21 H N N 38  
ARG HH22 H N N 39  
ARG HXT  H N N 40  
ASN N    N N N 41  
ASN CA   C N S 42  
ASN C    C N N 43  
ASN O    O N N 44  
ASN CB   C N N 45  
ASN CG   C N N 46  
ASN OD1  O N N 47  
ASN ND2  N N N 48  
ASN OXT  O N N 49  
ASN H    H N N 50  
ASN H2   H N N 51  
ASN HA   H N N 52  
ASN HB2  H N N 53  
ASN HB3  H N N 54  
ASN HD21 H N N 55  
ASN HD22 H N N 56  
ASN HXT  H N N 57  
ASP N    N N N 58  
ASP CA   C N S 59  
ASP C    C N N 60  
ASP O    O N N 61  
ASP CB   C N N 62  
ASP CG   C N N 63  
ASP OD1  O N N 64  
ASP OD2  O N N 65  
ASP OXT  O N N 66  
ASP H    H N N 67  
ASP H2   H N N 68  
ASP HA   H N N 69  
ASP HB2  H N N 70  
ASP HB3  H N N 71  
ASP HD2  H N N 72  
ASP HXT  H N N 73  
CIT C1   C N N 74  
CIT O1   O N N 75  
CIT O2   O N N 76  
CIT C2   C N N 77  
CIT C3   C N N 78  
CIT O7   O N N 79  
CIT C4   C N N 80  
CIT C5   C N N 81  
CIT O3   O N N 82  
CIT O4   O N N 83  
CIT C6   C N N 84  
CIT O5   O N N 85  
CIT O6   O N N 86  
CIT HO2  H N N 87  
CIT H21  H N N 88  
CIT H22  H N N 89  
CIT HO7  H N N 90  
CIT H41  H N N 91  
CIT H42  H N N 92  
CIT HO4  H N N 93  
CIT HO6  H N N 94  
CYS N    N N N 95  
CYS CA   C N R 96  
CYS C    C N N 97  
CYS O    O N N 98  
CYS CB   C N N 99  
CYS SG   S N N 100 
CYS OXT  O N N 101 
CYS H    H N N 102 
CYS H2   H N N 103 
CYS HA   H N N 104 
CYS HB2  H N N 105 
CYS HB3  H N N 106 
CYS HG   H N N 107 
CYS HXT  H N N 108 
GLN N    N N N 109 
GLN CA   C N S 110 
GLN C    C N N 111 
GLN O    O N N 112 
GLN CB   C N N 113 
GLN CG   C N N 114 
GLN CD   C N N 115 
GLN OE1  O N N 116 
GLN NE2  N N N 117 
GLN OXT  O N N 118 
GLN H    H N N 119 
GLN H2   H N N 120 
GLN HA   H N N 121 
GLN HB2  H N N 122 
GLN HB3  H N N 123 
GLN HG2  H N N 124 
GLN HG3  H N N 125 
GLN HE21 H N N 126 
GLN HE22 H N N 127 
GLN HXT  H N N 128 
GLU N    N N N 129 
GLU CA   C N S 130 
GLU C    C N N 131 
GLU O    O N N 132 
GLU CB   C N N 133 
GLU CG   C N N 134 
GLU CD   C N N 135 
GLU OE1  O N N 136 
GLU OE2  O N N 137 
GLU OXT  O N N 138 
GLU H    H N N 139 
GLU H2   H N N 140 
GLU HA   H N N 141 
GLU HB2  H N N 142 
GLU HB3  H N N 143 
GLU HG2  H N N 144 
GLU HG3  H N N 145 
GLU HE2  H N N 146 
GLU HXT  H N N 147 
GLY N    N N N 148 
GLY CA   C N N 149 
GLY C    C N N 150 
GLY O    O N N 151 
GLY OXT  O N N 152 
GLY H    H N N 153 
GLY H2   H N N 154 
GLY HA2  H N N 155 
GLY HA3  H N N 156 
GLY HXT  H N N 157 
HIS N    N N N 158 
HIS CA   C N S 159 
HIS C    C N N 160 
HIS O    O N N 161 
HIS CB   C N N 162 
HIS CG   C Y N 163 
HIS ND1  N Y N 164 
HIS CD2  C Y N 165 
HIS CE1  C Y N 166 
HIS NE2  N Y N 167 
HIS OXT  O N N 168 
HIS H    H N N 169 
HIS H2   H N N 170 
HIS HA   H N N 171 
HIS HB2  H N N 172 
HIS HB3  H N N 173 
HIS HD1  H N N 174 
HIS HD2  H N N 175 
HIS HE1  H N N 176 
HIS HE2  H N N 177 
HIS HXT  H N N 178 
HOH O    O N N 179 
HOH H1   H N N 180 
HOH H2   H N N 181 
ILE N    N N N 182 
ILE CA   C N S 183 
ILE C    C N N 184 
ILE O    O N N 185 
ILE CB   C N S 186 
ILE CG1  C N N 187 
ILE CG2  C N N 188 
ILE CD1  C N N 189 
ILE OXT  O N N 190 
ILE H    H N N 191 
ILE H2   H N N 192 
ILE HA   H N N 193 
ILE HB   H N N 194 
ILE HG12 H N N 195 
ILE HG13 H N N 196 
ILE HG21 H N N 197 
ILE HG22 H N N 198 
ILE HG23 H N N 199 
ILE HD11 H N N 200 
ILE HD12 H N N 201 
ILE HD13 H N N 202 
ILE HXT  H N N 203 
LEU N    N N N 204 
LEU CA   C N S 205 
LEU C    C N N 206 
LEU O    O N N 207 
LEU CB   C N N 208 
LEU CG   C N N 209 
LEU CD1  C N N 210 
LEU CD2  C N N 211 
LEU OXT  O N N 212 
LEU H    H N N 213 
LEU H2   H N N 214 
LEU HA   H N N 215 
LEU HB2  H N N 216 
LEU HB3  H N N 217 
LEU HG   H N N 218 
LEU HD11 H N N 219 
LEU HD12 H N N 220 
LEU HD13 H N N 221 
LEU HD21 H N N 222 
LEU HD22 H N N 223 
LEU HD23 H N N 224 
LEU HXT  H N N 225 
LYS N    N N N 226 
LYS CA   C N S 227 
LYS C    C N N 228 
LYS O    O N N 229 
LYS CB   C N N 230 
LYS CG   C N N 231 
LYS CD   C N N 232 
LYS CE   C N N 233 
LYS NZ   N N N 234 
LYS OXT  O N N 235 
LYS H    H N N 236 
LYS H2   H N N 237 
LYS HA   H N N 238 
LYS HB2  H N N 239 
LYS HB3  H N N 240 
LYS HG2  H N N 241 
LYS HG3  H N N 242 
LYS HD2  H N N 243 
LYS HD3  H N N 244 
LYS HE2  H N N 245 
LYS HE3  H N N 246 
LYS HZ1  H N N 247 
LYS HZ2  H N N 248 
LYS HZ3  H N N 249 
LYS HXT  H N N 250 
PHE N    N N N 251 
PHE CA   C N S 252 
PHE C    C N N 253 
PHE O    O N N 254 
PHE CB   C N N 255 
PHE CG   C Y N 256 
PHE CD1  C Y N 257 
PHE CD2  C Y N 258 
PHE CE1  C Y N 259 
PHE CE2  C Y N 260 
PHE CZ   C Y N 261 
PHE OXT  O N N 262 
PHE H    H N N 263 
PHE H2   H N N 264 
PHE HA   H N N 265 
PHE HB2  H N N 266 
PHE HB3  H N N 267 
PHE HD1  H N N 268 
PHE HD2  H N N 269 
PHE HE1  H N N 270 
PHE HE2  H N N 271 
PHE HZ   H N N 272 
PHE HXT  H N N 273 
PRO N    N N N 274 
PRO CA   C N S 275 
PRO C    C N N 276 
PRO O    O N N 277 
PRO CB   C N N 278 
PRO CG   C N N 279 
PRO CD   C N N 280 
PRO OXT  O N N 281 
PRO H    H N N 282 
PRO HA   H N N 283 
PRO HB2  H N N 284 
PRO HB3  H N N 285 
PRO HG2  H N N 286 
PRO HG3  H N N 287 
PRO HD2  H N N 288 
PRO HD3  H N N 289 
PRO HXT  H N N 290 
SER N    N N N 291 
SER CA   C N S 292 
SER C    C N N 293 
SER O    O N N 294 
SER CB   C N N 295 
SER OG   O N N 296 
SER OXT  O N N 297 
SER H    H N N 298 
SER H2   H N N 299 
SER HA   H N N 300 
SER HB2  H N N 301 
SER HB3  H N N 302 
SER HG   H N N 303 
SER HXT  H N N 304 
SO4 S    S N N 305 
SO4 O1   O N N 306 
SO4 O2   O N N 307 
SO4 O3   O N N 308 
SO4 O4   O N N 309 
THR N    N N N 310 
THR CA   C N S 311 
THR C    C N N 312 
THR O    O N N 313 
THR CB   C N R 314 
THR OG1  O N N 315 
THR CG2  C N N 316 
THR OXT  O N N 317 
THR H    H N N 318 
THR H2   H N N 319 
THR HA   H N N 320 
THR HB   H N N 321 
THR HG1  H N N 322 
THR HG21 H N N 323 
THR HG22 H N N 324 
THR HG23 H N N 325 
THR HXT  H N N 326 
TYR N    N N N 327 
TYR CA   C N S 328 
TYR C    C N N 329 
TYR O    O N N 330 
TYR CB   C N N 331 
TYR CG   C Y N 332 
TYR CD1  C Y N 333 
TYR CD2  C Y N 334 
TYR CE1  C Y N 335 
TYR CE2  C Y N 336 
TYR CZ   C Y N 337 
TYR OH   O N N 338 
TYR OXT  O N N 339 
TYR H    H N N 340 
TYR H2   H N N 341 
TYR HA   H N N 342 
TYR HB2  H N N 343 
TYR HB3  H N N 344 
TYR HD1  H N N 345 
TYR HD2  H N N 346 
TYR HE1  H N N 347 
TYR HE2  H N N 348 
TYR HH   H N N 349 
TYR HXT  H N N 350 
# 
loop_
_chem_comp_bond.comp_id 
_chem_comp_bond.atom_id_1 
_chem_comp_bond.atom_id_2 
_chem_comp_bond.value_order 
_chem_comp_bond.pdbx_aromatic_flag 
_chem_comp_bond.pdbx_stereo_config 
_chem_comp_bond.pdbx_ordinal 
ALA N   CA   sing N N 1   
ALA N   H    sing N N 2   
ALA N   H2   sing N N 3   
ALA CA  C    sing N N 4   
ALA CA  CB   sing N N 5   
ALA CA  HA   sing N N 6   
ALA C   O    doub N N 7   
ALA C   OXT  sing N N 8   
ALA CB  HB1  sing N N 9   
ALA CB  HB2  sing N N 10  
ALA CB  HB3  sing N N 11  
ALA OXT HXT  sing N N 12  
ARG N   CA   sing N N 13  
ARG N   H    sing N N 14  
ARG N   H2   sing N N 15  
ARG CA  C    sing N N 16  
ARG CA  CB   sing N N 17  
ARG CA  HA   sing N N 18  
ARG C   O    doub N N 19  
ARG C   OXT  sing N N 20  
ARG CB  CG   sing N N 21  
ARG CB  HB2  sing N N 22  
ARG CB  HB3  sing N N 23  
ARG CG  CD   sing N N 24  
ARG CG  HG2  sing N N 25  
ARG CG  HG3  sing N N 26  
ARG CD  NE   sing N N 27  
ARG CD  HD2  sing N N 28  
ARG CD  HD3  sing N N 29  
ARG NE  CZ   sing N N 30  
ARG NE  HE   sing N N 31  
ARG CZ  NH1  sing N N 32  
ARG CZ  NH2  doub N N 33  
ARG NH1 HH11 sing N N 34  
ARG NH1 HH12 sing N N 35  
ARG NH2 HH21 sing N N 36  
ARG NH2 HH22 sing N N 37  
ARG OXT HXT  sing N N 38  
ASN N   CA   sing N N 39  
ASN N   H    sing N N 40  
ASN N   H2   sing N N 41  
ASN CA  C    sing N N 42  
ASN CA  CB   sing N N 43  
ASN CA  HA   sing N N 44  
ASN C   O    doub N N 45  
ASN C   OXT  sing N N 46  
ASN CB  CG   sing N N 47  
ASN CB  HB2  sing N N 48  
ASN CB  HB3  sing N N 49  
ASN CG  OD1  doub N N 50  
ASN CG  ND2  sing N N 51  
ASN ND2 HD21 sing N N 52  
ASN ND2 HD22 sing N N 53  
ASN OXT HXT  sing N N 54  
ASP N   CA   sing N N 55  
ASP N   H    sing N N 56  
ASP N   H2   sing N N 57  
ASP CA  C    sing N N 58  
ASP CA  CB   sing N N 59  
ASP CA  HA   sing N N 60  
ASP C   O    doub N N 61  
ASP C   OXT  sing N N 62  
ASP CB  CG   sing N N 63  
ASP CB  HB2  sing N N 64  
ASP CB  HB3  sing N N 65  
ASP CG  OD1  doub N N 66  
ASP CG  OD2  sing N N 67  
ASP OD2 HD2  sing N N 68  
ASP OXT HXT  sing N N 69  
CIT C1  O1   doub N N 70  
CIT C1  O2   sing N N 71  
CIT C1  C2   sing N N 72  
CIT O2  HO2  sing N N 73  
CIT C2  C3   sing N N 74  
CIT C2  H21  sing N N 75  
CIT C2  H22  sing N N 76  
CIT C3  O7   sing N N 77  
CIT C3  C4   sing N N 78  
CIT C3  C6   sing N N 79  
CIT O7  HO7  sing N N 80  
CIT C4  C5   sing N N 81  
CIT C4  H41  sing N N 82  
CIT C4  H42  sing N N 83  
CIT C5  O3   doub N N 84  
CIT C5  O4   sing N N 85  
CIT O4  HO4  sing N N 86  
CIT C6  O5   doub N N 87  
CIT C6  O6   sing N N 88  
CIT O6  HO6  sing N N 89  
CYS N   CA   sing N N 90  
CYS N   H    sing N N 91  
CYS N   H2   sing N N 92  
CYS CA  C    sing N N 93  
CYS CA  CB   sing N N 94  
CYS CA  HA   sing N N 95  
CYS C   O    doub N N 96  
CYS C   OXT  sing N N 97  
CYS CB  SG   sing N N 98  
CYS CB  HB2  sing N N 99  
CYS CB  HB3  sing N N 100 
CYS SG  HG   sing N N 101 
CYS OXT HXT  sing N N 102 
GLN N   CA   sing N N 103 
GLN N   H    sing N N 104 
GLN N   H2   sing N N 105 
GLN CA  C    sing N N 106 
GLN CA  CB   sing N N 107 
GLN CA  HA   sing N N 108 
GLN C   O    doub N N 109 
GLN C   OXT  sing N N 110 
GLN CB  CG   sing N N 111 
GLN CB  HB2  sing N N 112 
GLN CB  HB3  sing N N 113 
GLN CG  CD   sing N N 114 
GLN CG  HG2  sing N N 115 
GLN CG  HG3  sing N N 116 
GLN CD  OE1  doub N N 117 
GLN CD  NE2  sing N N 118 
GLN NE2 HE21 sing N N 119 
GLN NE2 HE22 sing N N 120 
GLN OXT HXT  sing N N 121 
GLU N   CA   sing N N 122 
GLU N   H    sing N N 123 
GLU N   H2   sing N N 124 
GLU CA  C    sing N N 125 
GLU CA  CB   sing N N 126 
GLU CA  HA   sing N N 127 
GLU C   O    doub N N 128 
GLU C   OXT  sing N N 129 
GLU CB  CG   sing N N 130 
GLU CB  HB2  sing N N 131 
GLU CB  HB3  sing N N 132 
GLU CG  CD   sing N N 133 
GLU CG  HG2  sing N N 134 
GLU CG  HG3  sing N N 135 
GLU CD  OE1  doub N N 136 
GLU CD  OE2  sing N N 137 
GLU OE2 HE2  sing N N 138 
GLU OXT HXT  sing N N 139 
GLY N   CA   sing N N 140 
GLY N   H    sing N N 141 
GLY N   H2   sing N N 142 
GLY CA  C    sing N N 143 
GLY CA  HA2  sing N N 144 
GLY CA  HA3  sing N N 145 
GLY C   O    doub N N 146 
GLY C   OXT  sing N N 147 
GLY OXT HXT  sing N N 148 
HIS N   CA   sing N N 149 
HIS N   H    sing N N 150 
HIS N   H2   sing N N 151 
HIS CA  C    sing N N 152 
HIS CA  CB   sing N N 153 
HIS CA  HA   sing N N 154 
HIS C   O    doub N N 155 
HIS C   OXT  sing N N 156 
HIS CB  CG   sing N N 157 
HIS CB  HB2  sing N N 158 
HIS CB  HB3  sing N N 159 
HIS CG  ND1  sing Y N 160 
HIS CG  CD2  doub Y N 161 
HIS ND1 CE1  doub Y N 162 
HIS ND1 HD1  sing N N 163 
HIS CD2 NE2  sing Y N 164 
HIS CD2 HD2  sing N N 165 
HIS CE1 NE2  sing Y N 166 
HIS CE1 HE1  sing N N 167 
HIS NE2 HE2  sing N N 168 
HIS OXT HXT  sing N N 169 
HOH O   H1   sing N N 170 
HOH O   H2   sing N N 171 
ILE N   CA   sing N N 172 
ILE N   H    sing N N 173 
ILE N   H2   sing N N 174 
ILE CA  C    sing N N 175 
ILE CA  CB   sing N N 176 
ILE CA  HA   sing N N 177 
ILE C   O    doub N N 178 
ILE C   OXT  sing N N 179 
ILE CB  CG1  sing N N 180 
ILE CB  CG2  sing N N 181 
ILE CB  HB   sing N N 182 
ILE CG1 CD1  sing N N 183 
ILE CG1 HG12 sing N N 184 
ILE CG1 HG13 sing N N 185 
ILE CG2 HG21 sing N N 186 
ILE CG2 HG22 sing N N 187 
ILE CG2 HG23 sing N N 188 
ILE CD1 HD11 sing N N 189 
ILE CD1 HD12 sing N N 190 
ILE CD1 HD13 sing N N 191 
ILE OXT HXT  sing N N 192 
LEU N   CA   sing N N 193 
LEU N   H    sing N N 194 
LEU N   H2   sing N N 195 
LEU CA  C    sing N N 196 
LEU CA  CB   sing N N 197 
LEU CA  HA   sing N N 198 
LEU C   O    doub N N 199 
LEU C   OXT  sing N N 200 
LEU CB  CG   sing N N 201 
LEU CB  HB2  sing N N 202 
LEU CB  HB3  sing N N 203 
LEU CG  CD1  sing N N 204 
LEU CG  CD2  sing N N 205 
LEU CG  HG   sing N N 206 
LEU CD1 HD11 sing N N 207 
LEU CD1 HD12 sing N N 208 
LEU CD1 HD13 sing N N 209 
LEU CD2 HD21 sing N N 210 
LEU CD2 HD22 sing N N 211 
LEU CD2 HD23 sing N N 212 
LEU OXT HXT  sing N N 213 
LYS N   CA   sing N N 214 
LYS N   H    sing N N 215 
LYS N   H2   sing N N 216 
LYS CA  C    sing N N 217 
LYS CA  CB   sing N N 218 
LYS CA  HA   sing N N 219 
LYS C   O    doub N N 220 
LYS C   OXT  sing N N 221 
LYS CB  CG   sing N N 222 
LYS CB  HB2  sing N N 223 
LYS CB  HB3  sing N N 224 
LYS CG  CD   sing N N 225 
LYS CG  HG2  sing N N 226 
LYS CG  HG3  sing N N 227 
LYS CD  CE   sing N N 228 
LYS CD  HD2  sing N N 229 
LYS CD  HD3  sing N N 230 
LYS CE  NZ   sing N N 231 
LYS CE  HE2  sing N N 232 
LYS CE  HE3  sing N N 233 
LYS NZ  HZ1  sing N N 234 
LYS NZ  HZ2  sing N N 235 
LYS NZ  HZ3  sing N N 236 
LYS OXT HXT  sing N N 237 
PHE N   CA   sing N N 238 
PHE N   H    sing N N 239 
PHE N   H2   sing N N 240 
PHE CA  C    sing N N 241 
PHE CA  CB   sing N N 242 
PHE CA  HA   sing N N 243 
PHE C   O    doub N N 244 
PHE C   OXT  sing N N 245 
PHE CB  CG   sing N N 246 
PHE CB  HB2  sing N N 247 
PHE CB  HB3  sing N N 248 
PHE CG  CD1  doub Y N 249 
PHE CG  CD2  sing Y N 250 
PHE CD1 CE1  sing Y N 251 
PHE CD1 HD1  sing N N 252 
PHE CD2 CE2  doub Y N 253 
PHE CD2 HD2  sing N N 254 
PHE CE1 CZ   doub Y N 255 
PHE CE1 HE1  sing N N 256 
PHE CE2 CZ   sing Y N 257 
PHE CE2 HE2  sing N N 258 
PHE CZ  HZ   sing N N 259 
PHE OXT HXT  sing N N 260 
PRO N   CA   sing N N 261 
PRO N   CD   sing N N 262 
PRO N   H    sing N N 263 
PRO CA  C    sing N N 264 
PRO CA  CB   sing N N 265 
PRO CA  HA   sing N N 266 
PRO C   O    doub N N 267 
PRO C   OXT  sing N N 268 
PRO CB  CG   sing N N 269 
PRO CB  HB2  sing N N 270 
PRO CB  HB3  sing N N 271 
PRO CG  CD   sing N N 272 
PRO CG  HG2  sing N N 273 
PRO CG  HG3  sing N N 274 
PRO CD  HD2  sing N N 275 
PRO CD  HD3  sing N N 276 
PRO OXT HXT  sing N N 277 
SER N   CA   sing N N 278 
SER N   H    sing N N 279 
SER N   H2   sing N N 280 
SER CA  C    sing N N 281 
SER CA  CB   sing N N 282 
SER CA  HA   sing N N 283 
SER C   O    doub N N 284 
SER C   OXT  sing N N 285 
SER CB  OG   sing N N 286 
SER CB  HB2  sing N N 287 
SER CB  HB3  sing N N 288 
SER OG  HG   sing N N 289 
SER OXT HXT  sing N N 290 
SO4 S   O1   doub N N 291 
SO4 S   O2   doub N N 292 
SO4 S   O3   sing N N 293 
SO4 S   O4   sing N N 294 
THR N   CA   sing N N 295 
THR N   H    sing N N 296 
THR N   H2   sing N N 297 
THR CA  C    sing N N 298 
THR CA  CB   sing N N 299 
THR CA  HA   sing N N 300 
THR C   O    doub N N 301 
THR C   OXT  sing N N 302 
THR CB  OG1  sing N N 303 
THR CB  CG2  sing N N 304 
THR CB  HB   sing N N 305 
THR OG1 HG1  sing N N 306 
THR CG2 HG21 sing N N 307 
THR CG2 HG22 sing N N 308 
THR CG2 HG23 sing N N 309 
THR OXT HXT  sing N N 310 
TYR N   CA   sing N N 311 
TYR N   H    sing N N 312 
TYR N   H2   sing N N 313 
TYR CA  C    sing N N 314 
TYR CA  CB   sing N N 315 
TYR CA  HA   sing N N 316 
TYR C   O    doub N N 317 
TYR C   OXT  sing N N 318 
TYR CB  CG   sing N N 319 
TYR CB  HB2  sing N N 320 
TYR CB  HB3  sing N N 321 
TYR CG  CD1  doub Y N 322 
TYR CG  CD2  sing Y N 323 
TYR CD1 CE1  sing Y N 324 
TYR CD1 HD1  sing N N 325 
TYR CD2 CE2  doub Y N 326 
TYR CD2 HD2  sing N N 327 
TYR CE1 CZ   doub Y N 328 
TYR CE1 HE1  sing N N 329 
TYR CE2 CZ   sing Y N 330 
TYR CE2 HE2  sing N N 331 
TYR CZ  OH   sing N N 332 
TYR OH  HH   sing N N 333 
TYR OXT HXT  sing N N 334 
# 
_pdbx_audit_support.funding_organization   'Israel Science Foundation' 
_pdbx_audit_support.country                Israel 
_pdbx_audit_support.grant_number           1248/15 
_pdbx_audit_support.ordinal                1 
# 
_pdbx_initial_refinement_model.id               1 
_pdbx_initial_refinement_model.entity_id_list   ? 
_pdbx_initial_refinement_model.type             'experimental model' 
_pdbx_initial_refinement_model.source_name      PDB 
_pdbx_initial_refinement_model.accession_code   1Y62 
_pdbx_initial_refinement_model.details          ? 
# 
_atom_sites.entry_id                    6YHT 
_atom_sites.Cartn_transf_matrix[1][1]   ? 
_atom_sites.Cartn_transf_matrix[1][2]   ? 
_atom_sites.Cartn_transf_matrix[1][3]   ? 
_atom_sites.Cartn_transf_matrix[2][1]   ? 
_atom_sites.Cartn_transf_matrix[2][2]   ? 
_atom_sites.Cartn_transf_matrix[2][3]   ? 
_atom_sites.Cartn_transf_matrix[3][1]   ? 
_atom_sites.Cartn_transf_matrix[3][2]   ? 
_atom_sites.Cartn_transf_matrix[3][3]   ? 
_atom_sites.Cartn_transf_vector[1]      ? 
_atom_sites.Cartn_transf_vector[2]      ? 
_atom_sites.Cartn_transf_vector[3]      ? 
_atom_sites.fract_transf_matrix[1][1]   0.01159913 
_atom_sites.fract_transf_matrix[1][2]   -0.00879041 
_atom_sites.fract_transf_matrix[1][3]   0.00078707 
_atom_sites.fract_transf_matrix[2][1]   -0.00419777 
_atom_sites.fract_transf_matrix[2][2]   -0.00435162 
_atom_sites.fract_transf_matrix[2][3]   0.01326170 
_atom_sites.fract_transf_matrix[3][1]   -0.00776335 
_atom_sites.fract_transf_matrix[3][2]   -0.01078066 
_atom_sites.fract_transf_matrix[3][3]   -0.00599486 
_atom_sites.fract_transf_vector[1]      0.014986 
_atom_sites.fract_transf_vector[2]      -0.269483 
_atom_sites.fract_transf_vector[3]      -0.109480 
_atom_sites.solution_primary            ? 
_atom_sites.solution_secondary          ? 
_atom_sites.solution_hydrogens          ? 
_atom_sites.special_details             ? 
# 
loop_
_atom_type.symbol 
C  
CD 
N  
O  
S  
# 
loop_
_atom_site.group_PDB 
_atom_site.id 
_atom_site.type_symbol 
_atom_site.label_atom_id 
_atom_site.label_alt_id 
_atom_site.label_comp_id 
_atom_site.label_asym_id 
_atom_site.label_entity_id 
_atom_site.label_seq_id 
_atom_site.pdbx_PDB_ins_code 
_atom_site.Cartn_x 
_atom_site.Cartn_y 
_atom_site.Cartn_z 
_atom_site.occupancy 
_atom_site.B_iso_or_equiv 
_atom_site.pdbx_formal_charge 
_atom_site.auth_seq_id 
_atom_site.auth_comp_id 
_atom_site.auth_asym_id 
_atom_site.auth_atom_id 
_atom_site.pdbx_PDB_model_num 
ATOM   1   N N   . LEU A 1 2  ? -0.596  -15.105 5.995   1.00 78.01 ? 3   LEU A N   1 
ATOM   2   C CA  . LEU A 1 2  ? -0.764  -13.723 5.540   1.00 79.63 ? 3   LEU A CA  1 
ATOM   3   C C   . LEU A 1 2  ? -1.415  -13.646 4.168   1.00 68.84 ? 3   LEU A C   1 
ATOM   4   O O   . LEU A 1 2  ? -1.051  -14.393 3.271   1.00 76.86 ? 3   LEU A O   1 
ATOM   5   C CB  . LEU A 1 2  ? 0.578   -13.000 5.489   1.00 73.83 ? 3   LEU A CB  1 
ATOM   6   C CG  . LEU A 1 2  ? 1.202   -12.519 6.795   1.00 71.78 ? 3   LEU A CG  1 
ATOM   7   C CD1 . LEU A 1 2  ? 2.566   -11.913 6.515   1.00 76.83 ? 3   LEU A CD1 1 
ATOM   8   C CD2 . LEU A 1 2  ? 0.297   -11.531 7.506   1.00 76.45 ? 3   LEU A CD2 1 
ATOM   9   N N   . PRO A 1 3  ? -2.362  -12.725 4.006   1.00 69.34 ? 4   PRO A N   1 
ATOM   10  C CA  . PRO A 1 3  ? -3.027  -12.558 2.706   1.00 70.88 ? 4   PRO A CA  1 
ATOM   11  C C   . PRO A 1 3  ? -2.035  -12.207 1.604   1.00 75.21 ? 4   PRO A C   1 
ATOM   12  O O   . PRO A 1 3  ? -1.082  -11.457 1.816   1.00 75.45 ? 4   PRO A O   1 
ATOM   13  C CB  . PRO A 1 3  ? -3.997  -11.398 2.953   1.00 71.78 ? 4   PRO A CB  1 
ATOM   14  C CG  . PRO A 1 3  ? -4.168  -11.336 4.423   1.00 71.69 ? 4   PRO A CG  1 
ATOM   15  C CD  . PRO A 1 3  ? -2.868  -11.782 5.013   1.00 67.85 ? 4   PRO A CD  1 
ATOM   16  N N   . SER A 1 4  ? -2.298  -12.720 0.399   1.00 75.35 ? 5   SER A N   1 
ATOM   17  C CA  . SER A 1 4  ? -1.360  -12.573 -0.710  1.00 74.44 ? 5   SER A CA  1 
ATOM   18  C C   . SER A 1 4  ? -1.178  -11.123 -1.152  1.00 67.30 ? 5   SER A C   1 
ATOM   19  O O   . SER A 1 4  ? -0.163  -10.806 -1.776  1.00 63.90 ? 5   SER A O   1 
ATOM   20  C CB  . SER A 1 4  ? -1.815  -13.420 -1.898  1.00 74.48 ? 5   SER A CB  1 
ATOM   21  O OG  . SER A 1 4  ? -2.936  -12.828 -2.530  1.00 85.90 ? 5   SER A OG  1 
ATOM   22  N N   . LEU A 1 5  ? -2.126  -10.240 -0.845  1.00 65.92 ? 6   LEU A N   1 
ATOM   23  C CA  . LEU A 1 5  ? -1.945  -8.838  -1.196  1.00 64.66 ? 6   LEU A CA  1 
ATOM   24  C C   . LEU A 1 5  ? -0.807  -8.209  -0.410  1.00 62.75 ? 6   LEU A C   1 
ATOM   25  O O   . LEU A 1 5  ? -0.204  -7.243  -0.877  1.00 58.42 ? 6   LEU A O   1 
ATOM   26  C CB  . LEU A 1 5  ? -3.238  -8.058  -0.956  1.00 59.93 ? 6   LEU A CB  1 
ATOM   27  C CG  . LEU A 1 5  ? -3.679  -7.819  0.492   1.00 63.31 ? 6   LEU A CG  1 
ATOM   28  C CD1 . LEU A 1 5  ? -3.194  -6.469  1.006   1.00 61.13 ? 6   LEU A CD1 1 
ATOM   29  C CD2 . LEU A 1 5  ? -5.198  -7.904  0.592   1.00 65.08 ? 6   LEU A CD2 1 
ATOM   30  N N   . CYS A 1 6  ? -0.515  -8.725  0.788   1.00 57.91 ? 7   CYS A N   1 
ATOM   31  C CA  . CYS A 1 6  ? 0.585   -8.194  1.578   1.00 55.92 ? 7   CYS A CA  1 
ATOM   32  C C   . CYS A 1 6  ? 1.937   -8.339  0.891   1.00 59.64 ? 7   CYS A C   1 
ATOM   33  O O   . CYS A 1 6  ? 2.871   -7.627  1.263   1.00 59.78 ? 7   CYS A O   1 
ATOM   34  C CB  . CYS A 1 6  ? 0.646   -8.878  2.929   1.00 58.63 ? 7   CYS A CB  1 
ATOM   35  S SG  . CYS A 1 6  ? -0.810  -8.718  3.925   1.00 62.97 ? 7   CYS A SG  1 
ATOM   36  N N   . TYR A 1 7  ? 2.069   -9.228  -0.095  1.00 57.82 ? 8   TYR A N   1 
ATOM   37  C CA  . TYR A 1 7  ? 3.318   -9.394  -0.830  1.00 56.19 ? 8   TYR A CA  1 
ATOM   38  C C   . TYR A 1 7  ? 3.275   -8.736  -2.199  1.00 57.53 ? 8   TYR A C   1 
ATOM   39  O O   . TYR A 1 7  ? 4.247   -8.817  -2.955  1.00 51.56 ? 8   TYR A O   1 
ATOM   40  C CB  . TYR A 1 7  ? 3.661   -10.878 -0.973  1.00 60.45 ? 8   TYR A CB  1 
ATOM   41  C CG  . TYR A 1 7  ? 3.846   -11.587 0.352   1.00 60.07 ? 8   TYR A CG  1 
ATOM   42  C CD1 . TYR A 1 7  ? 5.048   -11.515 1.030   1.00 58.62 ? 8   TYR A CD1 1 
ATOM   43  C CD2 . TYR A 1 7  ? 2.822   -12.332 0.914   1.00 66.08 ? 8   TYR A CD2 1 
ATOM   44  C CE1 . TYR A 1 7  ? 5.228   -12.151 2.248   1.00 70.50 ? 8   TYR A CE1 1 
ATOM   45  C CE2 . TYR A 1 7  ? 2.991   -12.982 2.131   1.00 71.45 ? 8   TYR A CE2 1 
ATOM   46  C CZ  . TYR A 1 7  ? 4.200   -12.890 2.791   1.00 68.06 ? 8   TYR A CZ  1 
ATOM   47  O OH  . TYR A 1 7  ? 4.387   -13.529 3.998   1.00 77.13 ? 8   TYR A OH  1 
ATOM   48  N N   . GLU A 1 8  ? 2.186   -8.087  -2.532  1.00 54.19 ? 9   GLU A N   1 
ATOM   49  C CA  . GLU A 1 8  ? 2.151   -7.307  -3.755  1.00 54.89 ? 9   GLU A CA  1 
ATOM   50  C C   . GLU A 1 8  ? 3.059   -6.102  -3.588  1.00 59.37 ? 9   GLU A C   1 
ATOM   51  O O   . GLU A 1 8  ? 3.024   -5.452  -2.538  1.00 58.46 ? 9   GLU A O   1 
ATOM   52  C CB  . GLU A 1 8  ? 0.726   -6.858  -4.072  1.00 57.08 ? 9   GLU A CB  1 
ATOM   53  C CG  . GLU A 1 8  ? -0.182  -7.975  -4.543  1.00 58.73 ? 9   GLU A CG  1 
ATOM   54  C CD  . GLU A 1 8  ? -1.547  -7.478  -4.983  1.00 60.71 ? 9   GLU A CD  1 
ATOM   55  O OE1 . GLU A 1 8  ? -1.889  -6.315  -4.682  1.00 64.18 ? 9   GLU A OE1 1 
ATOM   56  O OE2 . GLU A 1 8  ? -2.285  -8.257  -5.616  1.00 69.11 ? 9   GLU A OE2 1 
ATOM   57  N N   . PRO A 1 9  ? 3.899   -5.786  -4.568  1.00 53.20 ? 10  PRO A N   1 
ATOM   58  C CA  . PRO A 1 9  ? 4.780   -4.625  -4.439  1.00 49.87 ? 10  PRO A CA  1 
ATOM   59  C C   . PRO A 1 9  ? 3.986   -3.338  -4.500  1.00 56.71 ? 10  PRO A C   1 
ATOM   60  O O   . PRO A 1 9  ? 2.955   -3.250  -5.167  1.00 58.12 ? 10  PRO A O   1 
ATOM   61  C CB  . PRO A 1 9  ? 5.704   -4.740  -5.659  1.00 52.44 ? 10  PRO A CB  1 
ATOM   62  C CG  . PRO A 1 9  ? 5.587   -6.160  -6.103  1.00 49.41 ? 10  PRO A CG  1 
ATOM   63  C CD  . PRO A 1 9  ? 4.194   -6.577  -5.767  1.00 55.85 ? 10  PRO A CD  1 
ATOM   64  N N   . ALA A 1 10 ? 4.499   -2.321  -3.816  1.00 49.57 ? 11  ALA A N   1 
ATOM   65  C CA  . ALA A 1 10 ? 3.904   -1.000  -3.875  1.00 49.69 ? 11  ALA A CA  1 
ATOM   66  C C   . ALA A 1 10 ? 3.877   -0.500  -5.313  1.00 52.39 ? 11  ALA A C   1 
ATOM   67  O O   . ALA A 1 10 ? 4.835   -0.684  -6.063  1.00 55.60 ? 11  ALA A O   1 
ATOM   68  C CB  . ALA A 1 10 ? 4.696   -0.042  -2.996  1.00 45.73 ? 11  ALA A CB  1 
ATOM   69  N N   . ASP A 1 11 ? 2.790   0.181   -5.683  1.00 55.99 ? 12  ASP A N   1 
ATOM   70  C CA  . ASP A 1 11 ? 2.543   0.579   -7.070  1.00 53.84 ? 12  ASP A CA  1 
ATOM   71  C C   . ASP A 1 11 ? 1.852   1.933   -7.075  1.00 55.09 ? 12  ASP A C   1 
ATOM   72  O O   . ASP A 1 11 ? 0.704   2.043   -6.641  1.00 60.77 ? 12  ASP A O   1 
ATOM   73  C CB  . ASP A 1 11 ? 1.679   -0.469  -7.772  1.00 56.36 ? 12  ASP A CB  1 
ATOM   74  C CG  . ASP A 1 11 ? 1.549   -0.231  -9.260  1.00 59.33 ? 12  ASP A CG  1 
ATOM   75  O OD1 . ASP A 1 11 ? 1.737   0.913   -9.716  1.00 61.24 ? 12  ASP A OD1 1 
ATOM   76  O OD2 . ASP A 1 11 ? 1.268   -1.214  -9.971  1.00 66.91 ? 12  ASP A OD2 1 
ATOM   77  N N   . SER A 1 12 ? 2.522   2.958   -7.595  1.00 53.24 ? 13  SER A N   1 
ATOM   78  C CA  . SER A 1 12 ? 1.919   4.285   -7.595  1.00 56.25 ? 13  SER A CA  1 
ATOM   79  C C   . SER A 1 12 ? 0.746   4.412   -8.549  1.00 62.62 ? 13  SER A C   1 
ATOM   80  O O   . SER A 1 12 ? 0.080   5.455   -8.533  1.00 67.84 ? 13  SER A O   1 
ATOM   81  C CB  . SER A 1 12 ? 2.949   5.348   -7.957  1.00 58.80 ? 13  SER A CB  1 
ATOM   82  O OG  . SER A 1 12 ? 3.316   5.234   -9.316  1.00 58.75 ? 13  SER A OG  1 
ATOM   83  N N   . GLY A 1 13 ? 0.478   3.412   -9.382  1.00 62.88 ? 14  GLY A N   1 
ATOM   84  C CA  . GLY A 1 13 ? -0.665  3.507   -10.267 1.00 64.82 ? 14  GLY A CA  1 
ATOM   85  C C   . GLY A 1 13 ? -0.395  4.377   -11.477 1.00 72.24 ? 14  GLY A C   1 
ATOM   86  O O   . GLY A 1 13 ? 0.687   4.291   -12.060 1.00 71.07 ? 14  GLY A O   1 
ATOM   87  N N   . SER A 1 14 ? -1.352  5.233   -11.860 1.00 78.24 ? 15  SER A N   1 
ATOM   88  C CA  . SER A 1 14 ? -1.222  5.912   -13.144 1.00 77.96 ? 15  SER A CA  1 
ATOM   89  C C   . SER A 1 14 ? -1.877  7.280   -13.225 1.00 82.26 ? 15  SER A C   1 
ATOM   90  O O   . SER A 1 14 ? -1.695  7.949   -14.245 1.00 91.28 ? 15  SER A O   1 
ATOM   91  C CB  . SER A 1 14 ? -1.796  5.024   -14.255 1.00 73.20 ? 15  SER A CB  1 
ATOM   92  O OG  . SER A 1 14 ? -3.206  4.929   -14.116 1.00 79.84 ? 15  SER A OG  1 
ATOM   93  N N   . GLY A 1 15 ? -2.619  7.730   -12.222 1.00 75.75 ? 16  GLY A N   1 
ATOM   94  C CA  . GLY A 1 15 ? -3.293  9.004   -12.381 1.00 77.77 ? 16  GLY A CA  1 
ATOM   95  C C   . GLY A 1 15 ? -2.392  10.222  -12.422 1.00 73.71 ? 16  GLY A C   1 
ATOM   96  O O   . GLY A 1 15 ? -1.234  10.151  -12.836 1.00 77.63 ? 16  GLY A O   1 
ATOM   97  N N   . THR A 1 16 ? -2.916  11.362  -11.986 1.00 78.17 ? 17  THR A N   1 
ATOM   98  C CA  . THR A 1 16 ? -2.146  12.597  -11.952 1.00 78.53 ? 17  THR A CA  1 
ATOM   99  C C   . THR A 1 16 ? -2.091  13.191  -10.551 1.00 80.89 ? 17  THR A C   1 
ATOM   100 O O   . THR A 1 16 ? -1.488  14.257  -10.359 1.00 82.71 ? 17  THR A O   1 
ATOM   101 C CB  . THR A 1 16 ? -2.733  13.614  -12.934 1.00 86.91 ? 17  THR A CB  1 
ATOM   102 O OG1 . THR A 1 16 ? -2.167  14.905  -12.679 1.00 84.52 ? 17  THR A OG1 1 
ATOM   103 C CG2 . THR A 1 16 ? -4.257  13.687  -12.787 1.00 75.54 ? 17  THR A CG2 1 
ATOM   104 N N   . LYS A 1 17 ? -2.696  12.525  -9.574  1.00 81.17 ? 18  LYS A N   1 
ATOM   105 C CA  . LYS A 1 17 ? -2.704  12.967  -8.190  1.00 79.19 ? 18  LYS A CA  1 
ATOM   106 C C   . LYS A 1 17 ? -1.399  12.599  -7.481  1.00 78.07 ? 18  LYS A C   1 
ATOM   107 O O   . LYS A 1 17 ? -0.515  11.930  -8.022  1.00 78.63 ? 18  LYS A O   1 
ATOM   108 C CB  . LYS A 1 17 ? -3.898  12.360  -7.453  1.00 76.86 ? 18  LYS A CB  1 
ATOM   109 C CG  . LYS A 1 17 ? -5.217  12.437  -8.239  1.00 80.34 ? 18  LYS A CG  1 
ATOM   110 C CD  . LYS A 1 17 ? -6.363  11.739  -7.508  1.00 75.20 ? 18  LYS A CD  1 
ATOM   111 N N   . SER A 1 18 ? -1.284  13.054  -6.244  1.00 70.30 ? 19  SER A N   1 
ATOM   112 C CA  . SER A 1 18 ? -0.174  12.693  -5.397  1.00 72.29 ? 19  SER A CA  1 
ATOM   113 C C   . SER A 1 18 ? -0.729  12.354  -4.014  1.00 78.19 ? 19  SER A C   1 
ATOM   114 O O   . SER A 1 18 ? -0.469  13.026  -3.023  1.00 75.30 ? 19  SER A O   1 
ATOM   115 C CB  . SER A 1 18 ? 0.854   13.823  -5.310  1.00 30.00 ? 19  SER A CB  1 
ATOM   116 O OG  . SER A 1 18 ? 1.458   14.062  -6.569  1.00 30.00 ? 19  SER A OG  1 
ATOM   117 N N   . GLU A 1 19 ? -1.519  11.282  -3.942  1.00 68.39 ? 20  GLU A N   1 
ATOM   118 C CA  . GLU A 1 19 ? -2.145  10.897  -2.687  1.00 70.09 ? 20  GLU A CA  1 
ATOM   119 C C   . GLU A 1 19 ? -1.170  10.143  -1.792  1.00 69.03 ? 20  GLU A C   1 
ATOM   120 O O   . GLU A 1 19 ? -0.430  9.270   -2.252  1.00 69.12 ? 20  GLU A O   1 
ATOM   121 C CB  . GLU A 1 19 ? -3.366  10.018  -2.941  1.00 70.50 ? 20  GLU A CB  1 
ATOM   122 C CG  . GLU A 1 19 ? -4.467  10.648  -3.767  1.00 79.14 ? 20  GLU A CG  1 
ATOM   123 C CD  . GLU A 1 19 ? -5.675  9.739   -3.847  1.00 79.47 ? 20  GLU A CD  1 
ATOM   124 O OE1 . GLU A 1 19 ? -6.084  9.209   -2.788  1.00 76.67 ? 20  GLU A OE1 1 
ATOM   125 O OE2 . GLU A 1 19 ? -6.197  9.532   -4.963  1.00 82.19 ? 20  GLU A OE2 1 
ATOM   126 N N   . LYS A 1 20 ? -1.203  10.459  -0.500  1.00 66.98 ? 21  LYS A N   1 
ATOM   127 C CA  . LYS A 1 20 ? -0.455  9.699   0.489   1.00 66.56 ? 21  LYS A CA  1 
ATOM   128 C C   . LYS A 1 20 ? -1.224  8.423   0.837   1.00 69.08 ? 21  LYS A C   1 
ATOM   129 O O   . LYS A 1 20 ? -2.374  8.483   1.282   1.00 70.72 ? 21  LYS A O   1 
ATOM   130 C CB  . LYS A 1 20 ? -0.194  10.563  1.726   1.00 68.52 ? 21  LYS A CB  1 
ATOM   131 C CG  . LYS A 1 20 ? 0.491   9.814   2.871   1.00 78.96 ? 21  LYS A CG  1 
ATOM   132 C CD  . LYS A 1 20 ? 0.368   10.525  4.222   1.00 79.49 ? 21  LYS A CD  1 
ATOM   133 C CE  . LYS A 1 20 ? 1.728   10.586  4.940   1.00 83.30 ? 21  LYS A CE  1 
ATOM   134 N NZ  . LYS A 1 20 ? 1.897   11.733  5.899   1.00 86.10 ? 21  LYS A NZ  1 
ATOM   135 N N   . ARG A 1 21 ? -0.605  7.268   0.602   1.00 64.76 ? 22  ARG A N   1 
ATOM   136 C CA  . ARG A 1 21 ? -1.182  5.968   0.911   1.00 58.90 ? 22  ARG A CA  1 
ATOM   137 C C   . ARG A 1 21 ? -0.198  5.169   1.761   1.00 57.95 ? 22  ARG A C   1 
ATOM   138 O O   . ARG A 1 21 ? 0.949   5.572   1.960   1.00 57.67 ? 22  ARG A O   1 
ATOM   139 C CB  . ARG A 1 21 ? -1.532  5.205   -0.369  1.00 57.54 ? 22  ARG A CB  1 
ATOM   140 C CG  . ARG A 1 21 ? -2.670  5.816   -1.185  1.00 63.50 ? 22  ARG A CG  1 
ATOM   141 C CD  . ARG A 1 21 ? -4.002  5.747   -0.447  1.00 64.44 ? 22  ARG A CD  1 
ATOM   142 N NE  . ARG A 1 21 ? -5.080  6.342   -1.235  1.00 65.62 ? 22  ARG A NE  1 
ATOM   143 C CZ  . ARG A 1 21 ? -5.876  5.667   -2.057  1.00 63.34 ? 22  ARG A CZ  1 
ATOM   144 N NH1 . ARG A 1 21 ? -5.735  4.355   -2.208  1.00 64.39 ? 22  ARG A NH1 1 
ATOM   145 N NH2 . ARG A 1 21 ? -6.822  6.302   -2.730  1.00 66.04 ? 22  ARG A NH2 1 
ATOM   146 N N   . ILE A 1 22 ? -0.655  4.022   2.268   1.00 57.01 ? 23  ILE A N   1 
ATOM   147 C CA  . ILE A 1 22 ? 0.155   3.113   3.077   1.00 54.42 ? 23  ILE A CA  1 
ATOM   148 C C   . ILE A 1 22 ? 0.207   1.762   2.380   1.00 55.03 ? 23  ILE A C   1 
ATOM   149 O O   . ILE A 1 22 ? -0.818  1.270   1.898   1.00 54.32 ? 23  ILE A O   1 
ATOM   150 C CB  . ILE A 1 22 ? -0.428  2.944   4.500   1.00 54.52 ? 23  ILE A CB  1 
ATOM   151 C CG1 . ILE A 1 22 ? -0.683  4.301   5.152   1.00 60.61 ? 23  ILE A CG1 1 
ATOM   152 C CG2 . ILE A 1 22 ? 0.477   2.088   5.392   1.00 51.74 ? 23  ILE A CG2 1 
ATOM   153 C CD1 . ILE A 1 22 ? 0.546   5.146   5.315   1.00 58.01 ? 23  ILE A CD1 1 
ATOM   154 N N   . TYR A 1 23 ? 1.393   1.147   2.361   1.00 47.71 ? 24  TYR A N   1 
ATOM   155 C CA  . TYR A 1 23 ? 1.580   -0.211  1.868   1.00 51.10 ? 24  TYR A CA  1 
ATOM   156 C C   . TYR A 1 23 ? 2.342   -1.017  2.902   1.00 52.61 ? 24  TYR A C   1 
ATOM   157 O O   . TYR A 1 23 ? 3.085   -0.468  3.724   1.00 52.79 ? 24  TYR A O   1 
ATOM   158 C CB  . TYR A 1 23 ? 2.344   -0.257  0.533   1.00 49.34 ? 24  TYR A CB  1 
ATOM   159 C CG  . TYR A 1 23 ? 3.850   -0.136  0.659   1.00 51.44 ? 24  TYR A CG  1 
ATOM   160 C CD1 . TYR A 1 23 ? 4.435   1.083   0.957   1.00 48.19 ? 24  TYR A CD1 1 
ATOM   161 C CD2 . TYR A 1 23 ? 4.691   -1.234  0.456   1.00 51.71 ? 24  TYR A CD2 1 
ATOM   162 C CE1 . TYR A 1 23 ? 5.822   1.223   1.069   1.00 48.17 ? 24  TYR A CE1 1 
ATOM   163 C CE2 . TYR A 1 23 ? 6.096   -1.105  0.563   1.00 49.57 ? 24  TYR A CE2 1 
ATOM   164 C CZ  . TYR A 1 23 ? 6.641   0.132   0.869   1.00 48.96 ? 24  TYR A CZ  1 
ATOM   165 O OH  . TYR A 1 23 ? 8.016   0.290   0.990   1.00 50.00 ? 24  TYR A OH  1 
ATOM   166 N N   . TYR A 1 24 ? 2.145   -2.337  2.848   1.00 51.38 ? 25  TYR A N   1 
ATOM   167 C CA  . TYR A 1 24 ? 2.884   -3.278  3.685   1.00 52.01 ? 25  TYR A CA  1 
ATOM   168 C C   . TYR A 1 24 ? 4.165   -3.668  2.963   1.00 55.53 ? 25  TYR A C   1 
ATOM   169 O O   . TYR A 1 24 ? 4.123   -4.332  1.920   1.00 51.20 ? 25  TYR A O   1 
ATOM   170 C CB  . TYR A 1 24 ? 2.061   -4.526  4.006   1.00 49.49 ? 25  TYR A CB  1 
ATOM   171 C CG  . TYR A 1 24 ? 2.833   -5.535  4.840   1.00 52.94 ? 25  TYR A CG  1 
ATOM   172 C CD1 . TYR A 1 24 ? 3.172   -5.259  6.162   1.00 54.80 ? 25  TYR A CD1 1 
ATOM   173 C CD2 . TYR A 1 24 ? 3.232   -6.744  4.304   1.00 55.19 ? 25  TYR A CD2 1 
ATOM   174 C CE1 . TYR A 1 24 ? 3.881   -6.169  6.925   1.00 60.51 ? 25  TYR A CE1 1 
ATOM   175 C CE2 . TYR A 1 24 ? 3.943   -7.669  5.065   1.00 56.63 ? 25  TYR A CE2 1 
ATOM   176 C CZ  . TYR A 1 24 ? 4.264   -7.372  6.370   1.00 59.05 ? 25  TYR A CZ  1 
ATOM   177 O OH  . TYR A 1 24 ? 4.977   -8.279  7.116   1.00 62.05 ? 25  TYR A OH  1 
ATOM   178 N N   . ASN A 1 25 ? 5.299   -3.253  3.512   1.00 53.69 ? 26  ASN A N   1 
ATOM   179 C CA  . ASN A 1 25 ? 6.610   -3.695  3.034   1.00 53.91 ? 26  ASN A CA  1 
ATOM   180 C C   . ASN A 1 25 ? 6.904   -5.055  3.654   1.00 55.03 ? 26  ASN A C   1 
ATOM   181 O O   . ASN A 1 25 ? 7.271   -5.148  4.826   1.00 54.59 ? 26  ASN A O   1 
ATOM   182 C CB  . ASN A 1 25 ? 7.672   -2.666  3.398   1.00 46.90 ? 26  ASN A CB  1 
ATOM   183 C CG  . ASN A 1 25 ? 9.035   -2.988  2.821   1.00 54.17 ? 26  ASN A CG  1 
ATOM   184 O OD1 . ASN A 1 25 ? 9.556   -4.078  3.009   1.00 51.99 ? 26  ASN A OD1 1 
ATOM   185 N ND2 . ASN A 1 25 ? 9.620   -2.029  2.109   1.00 52.37 ? 26  ASN A ND2 1 
ATOM   186 N N   . SER A 1 26 ? 6.748   -6.117  2.868   1.00 52.26 ? 27  SER A N   1 
ATOM   187 C CA  . SER A 1 26 ? 6.933   -7.466  3.395   1.00 58.12 ? 27  SER A CA  1 
ATOM   188 C C   . SER A 1 26 ? 8.384   -7.793  3.713   1.00 56.42 ? 27  SER A C   1 
ATOM   189 O O   . SER A 1 26 ? 8.630   -8.671  4.542   1.00 57.28 ? 27  SER A O   1 
ATOM   190 C CB  . SER A 1 26 ? 6.381   -8.494  2.413   1.00 55.30 ? 27  SER A CB  1 
ATOM   191 O OG  . SER A 1 26 ? 6.960   -8.314  1.136   1.00 60.95 ? 27  SER A OG  1 
ATOM   192 N N   . ALA A 1 27 ? 9.345   -7.109  3.094   1.00 56.70 ? 28  ALA A N   1 
ATOM   193 C CA  . ALA A 1 27 ? 10.739  -7.310  3.478   1.00 60.45 ? 28  ALA A CA  1 
ATOM   194 C C   . ALA A 1 27 ? 11.015  -6.788  4.880   1.00 60.14 ? 28  ALA A C   1 
ATOM   195 O O   . ALA A 1 27 ? 11.746  -7.422  5.645   1.00 58.43 ? 28  ALA A O   1 
ATOM   196 C CB  . ALA A 1 27 ? 11.665  -6.638  2.478   1.00 56.82 ? 28  ALA A CB  1 
ATOM   197 N N   . ARG A 1 28 ? 10.445  -5.639  5.239   1.00 56.63 ? 29  ARG A N   1 
ATOM   198 C CA  . ARG A 1 28 ? 10.720  -5.028  6.529   1.00 57.05 ? 29  ARG A CA  1 
ATOM   199 C C   . ARG A 1 28 ? 9.692   -5.366  7.588   1.00 62.39 ? 29  ARG A C   1 
ATOM   200 O O   . ARG A 1 28 ? 9.923   -5.063  8.762   1.00 65.82 ? 29  ARG A O   1 
ATOM   201 C CB  . ARG A 1 28 ? 10.779  -3.509  6.389   1.00 55.11 ? 29  ARG A CB  1 
ATOM   202 C CG  . ARG A 1 28 ? 11.857  -3.060  5.498   1.00 57.74 ? 29  ARG A CG  1 
ATOM   203 C CD  . ARG A 1 28 ? 11.835  -1.554  5.272   1.00 58.21 ? 29  ARG A CD  1 
ATOM   204 N NE  . ARG A 1 28 ? 13.078  -1.242  4.591   1.00 64.21 ? 29  ARG A NE  1 
ATOM   205 C CZ  . ARG A 1 28 ? 14.135  -0.718  5.190   1.00 63.03 ? 29  ARG A CZ  1 
ATOM   206 N NH1 . ARG A 1 28 ? 14.074  -0.387  6.478   1.00 61.31 ? 29  ARG A NH1 1 
ATOM   207 N NH2 . ARG A 1 28 ? 15.238  -0.501  4.491   1.00 60.24 ? 29  ARG A NH2 1 
ATOM   208 N N   . LYS A 1 29 ? 8.561   -5.954  7.202   1.00 62.40 ? 30  LYS A N   1 
ATOM   209 C CA  . LYS A 1 29 ? 7.434   -6.163  8.104   1.00 59.36 ? 30  LYS A CA  1 
ATOM   210 C C   . LYS A 1 29 ? 6.977   -4.843  8.717   1.00 64.74 ? 30  LYS A C   1 
ATOM   211 O O   . LYS A 1 29 ? 6.689   -4.754  9.909   1.00 67.91 ? 30  LYS A O   1 
ATOM   212 C CB  . LYS A 1 29 ? 7.767   -7.186  9.196   1.00 63.58 ? 30  LYS A CB  1 
ATOM   213 C CG  . LYS A 1 29 ? 8.647   -8.350  8.730   1.00 73.62 ? 30  LYS A CG  1 
ATOM   214 C CD  . LYS A 1 29 ? 8.750   -9.450  9.794   1.00 80.81 ? 30  LYS A CD  1 
ATOM   215 C CE  . LYS A 1 29 ? 10.199  -9.615  10.287  1.00 89.72 ? 30  LYS A CE  1 
ATOM   216 N NZ  . LYS A 1 29 ? 10.316  -10.358 11.586  1.00 93.67 ? 30  LYS A NZ  1 
ATOM   217 N N   . GLN A 1 30 ? 6.901   -3.799  7.897   1.00 61.51 ? 31  GLN A N   1 
ATOM   218 C CA  . GLN A 1 30 ? 6.286   -2.580  8.393   1.00 60.52 ? 31  GLN A CA  1 
ATOM   219 C C   . GLN A 1 30 ? 5.411   -1.935  7.332   1.00 64.99 ? 31  GLN A C   1 
ATOM   220 O O   . GLN A 1 30 ? 5.642   -2.065  6.126   1.00 56.23 ? 31  GLN A O   1 
ATOM   221 C CB  . GLN A 1 30 ? 7.332   -1.575  8.924   1.00 63.40 ? 31  GLN A CB  1 
ATOM   222 C CG  . GLN A 1 30 ? 8.482   -1.233  8.019   1.00 73.95 ? 31  GLN A CG  1 
ATOM   223 C CD  . GLN A 1 30 ? 9.713   -0.797  8.816   1.00 69.86 ? 31  GLN A CD  1 
ATOM   224 O OE1 . GLN A 1 30 ? 9.804   -1.059  10.012  1.00 80.87 ? 31  GLN A OE1 1 
ATOM   225 N NE2 . GLN A 1 30 ? 10.656  -0.138  8.158   1.00 68.36 ? 31  GLN A NE2 1 
ATOM   226 N N   . CYS A 1 31 ? 4.398   -1.223  7.805   1.00 56.75 ? 32  CYS A N   1 
ATOM   227 C CA  . CYS A 1 31 ? 3.509   -0.473  6.935   1.00 55.86 ? 32  CYS A CA  1 
ATOM   228 C C   . CYS A 1 31 ? 4.115   0.902   6.712   1.00 59.13 ? 32  CYS A C   1 
ATOM   229 O O   . CYS A 1 31 ? 4.399   1.616   7.670   1.00 57.57 ? 32  CYS A O   1 
ATOM   230 C CB  . CYS A 1 31 ? 2.116   -0.380  7.554   1.00 60.32 ? 32  CYS A CB  1 
ATOM   231 S SG  . CYS A 1 31 ? 1.238   -1.939  7.557   1.00 60.39 ? 32  CYS A SG  1 
ATOM   232 N N   . LEU A 1 32 ? 4.346   1.269   5.456   1.00 56.38 ? 33  LEU A N   1 
ATOM   233 C CA  . LEU A 1 32 ? 5.058   2.501   5.183   1.00 55.83 ? 33  LEU A CA  1 
ATOM   234 C C   . LEU A 1 32 ? 4.285   3.351   4.193   1.00 54.17 ? 33  LEU A C   1 
ATOM   235 O O   . LEU A 1 32 ? 3.380   2.888   3.489   1.00 56.78 ? 33  LEU A O   1 
ATOM   236 C CB  . LEU A 1 32 ? 6.480   2.247   4.669   1.00 54.00 ? 33  LEU A CB  1 
ATOM   237 C CG  . LEU A 1 32 ? 7.419   1.451   5.584   1.00 56.32 ? 33  LEU A CG  1 
ATOM   238 C CD1 . LEU A 1 32 ? 8.663   1.015   4.831   1.00 52.46 ? 33  LEU A CD1 1 
ATOM   239 C CD2 . LEU A 1 32 ? 7.812   2.230   6.845   1.00 58.36 ? 33  LEU A CD2 1 
ATOM   240 N N   . ARG A 1 33 ? 4.657   4.618   4.175   1.00 53.62 ? 34  ARG A N   1 
ATOM   241 C CA  . ARG A 1 33 ? 4.052   5.584   3.278   1.00 56.55 ? 34  ARG A CA  1 
ATOM   242 C C   . ARG A 1 33 ? 4.542   5.379   1.849   1.00 54.04 ? 34  ARG A C   1 
ATOM   243 O O   . ARG A 1 33 ? 5.719   5.081   1.614   1.00 53.26 ? 34  ARG A O   1 
ATOM   244 C CB  . ARG A 1 33 ? 4.401   6.992   3.765   1.00 56.00 ? 34  ARG A CB  1 
ATOM   245 C CG  . ARG A 1 33 ? 4.236   8.079   2.734   1.00 64.00 ? 34  ARG A CG  1 
ATOM   246 C CD  . ARG A 1 33 ? 4.662   9.418   3.293   1.00 63.61 ? 34  ARG A CD  1 
ATOM   247 N NE  . ARG A 1 33 ? 4.423   10.494  2.346   1.00 71.59 ? 34  ARG A NE  1 
ATOM   248 C CZ  . ARG A 1 33 ? 4.636   11.775  2.612   1.00 73.62 ? 34  ARG A CZ  1 
ATOM   249 N NH1 . ARG A 1 33 ? 5.088   12.139  3.807   1.00 69.50 ? 34  ARG A NH1 1 
ATOM   250 N NH2 . ARG A 1 33 ? 4.394   12.689  1.680   1.00 67.70 ? 34  ARG A NH2 1 
ATOM   251 N N   . PHE A 1 34 ? 3.639   5.543   0.887   1.00 51.26 ? 35  PHE A N   1 
ATOM   252 C CA  . PHE A 1 34 ? 4.037   5.658   -0.508  1.00 53.68 ? 35  PHE A CA  1 
ATOM   253 C C   . PHE A 1 34 ? 3.085   6.625   -1.189  1.00 64.47 ? 35  PHE A C   1 
ATOM   254 O O   . PHE A 1 34 ? 2.048   7.004   -0.635  1.00 58.79 ? 35  PHE A O   1 
ATOM   255 C CB  . PHE A 1 34 ? 4.080   4.301   -1.213  1.00 52.87 ? 35  PHE A CB  1 
ATOM   256 C CG  . PHE A 1 34 ? 2.734   3.781   -1.658  1.00 54.25 ? 35  PHE A CG  1 
ATOM   257 C CD1 . PHE A 1 34 ? 1.851   3.222   -0.743  1.00 53.81 ? 35  PHE A CD1 1 
ATOM   258 C CD2 . PHE A 1 34 ? 2.375   3.806   -2.997  1.00 52.10 ? 35  PHE A CD2 1 
ATOM   259 C CE1 . PHE A 1 34 ? 0.624   2.710   -1.163  1.00 51.45 ? 35  PHE A CE1 1 
ATOM   260 C CE2 . PHE A 1 34 ? 1.151   3.313   -3.424  1.00 51.62 ? 35  PHE A CE2 1 
ATOM   261 C CZ  . PHE A 1 34 ? 0.280   2.752   -2.506  1.00 55.96 ? 35  PHE A CZ  1 
ATOM   262 N N   . THR A 1 35 ? 3.464   7.061   -2.386  1.00 58.43 ? 36  THR A N   1 
ATOM   263 C CA  . THR A 1 35 ? 2.670   8.021   -3.133  1.00 58.97 ? 36  THR A CA  1 
ATOM   264 C C   . THR A 1 35 ? 1.910   7.299   -4.232  1.00 59.56 ? 36  THR A C   1 
ATOM   265 O O   . THR A 1 35 ? 2.500   6.528   -4.995  1.00 57.00 ? 36  THR A O   1 
ATOM   266 C CB  . THR A 1 35 ? 3.545   9.116   -3.732  1.00 56.21 ? 36  THR A CB  1 
ATOM   267 O OG1 . THR A 1 35 ? 4.137   9.883   -2.679  1.00 59.00 ? 36  THR A OG1 1 
ATOM   268 C CG2 . THR A 1 35 ? 2.718   10.035  -4.593  1.00 62.80 ? 36  THR A CG2 1 
ATOM   269 N N   . TYR A 1 36 ? 0.601   7.539   -4.290  1.00 59.57 ? 37  TYR A N   1 
ATOM   270 C CA  . TYR A 1 36 ? -0.301  6.936   -5.258  1.00 64.97 ? 37  TYR A CA  1 
ATOM   271 C C   . TYR A 1 36 ? -0.800  8.021   -6.202  1.00 66.86 ? 37  TYR A C   1 
ATOM   272 O O   . TYR A 1 36 ? -1.045  9.153   -5.780  1.00 69.71 ? 37  TYR A O   1 
ATOM   273 C CB  . TYR A 1 36 ? -1.475  6.274   -4.533  1.00 61.78 ? 37  TYR A CB  1 
ATOM   274 C CG  . TYR A 1 36 ? -2.489  5.543   -5.395  1.00 61.58 ? 37  TYR A CG  1 
ATOM   275 C CD1 . TYR A 1 36 ? -2.118  4.476   -6.193  1.00 61.15 ? 37  TYR A CD1 1 
ATOM   276 C CD2 . TYR A 1 36 ? -3.833  5.901   -5.367  1.00 65.25 ? 37  TYR A CD2 1 
ATOM   277 C CE1 . TYR A 1 36 ? -3.047  3.803   -6.955  1.00 61.88 ? 37  TYR A CE1 1 
ATOM   278 C CE2 . TYR A 1 36 ? -4.774  5.229   -6.134  1.00 64.67 ? 37  TYR A CE2 1 
ATOM   279 C CZ  . TYR A 1 36 ? -4.378  4.186   -6.920  1.00 65.59 ? 37  TYR A CZ  1 
ATOM   280 O OH  . TYR A 1 36 ? -5.313  3.515   -7.682  1.00 70.21 ? 37  TYR A OH  1 
ATOM   281 N N   . ASN A 1 37 ? -0.942  7.686   -7.480  1.00 68.19 ? 38  ASN A N   1 
ATOM   282 C CA  . ASN A 1 37 ? -1.255  8.711   -8.466  1.00 70.31 ? 38  ASN A CA  1 
ATOM   283 C C   . ASN A 1 37 ? -2.744  8.868   -8.740  1.00 73.83 ? 38  ASN A C   1 
ATOM   284 O O   . ASN A 1 37 ? -3.134  9.834   -9.399  1.00 80.46 ? 38  ASN A O   1 
ATOM   285 C CB  . ASN A 1 37 ? -0.505  8.428   -9.764  1.00 69.50 ? 38  ASN A CB  1 
ATOM   286 C CG  . ASN A 1 37 ? 0.980   8.662   -9.622  1.00 71.78 ? 38  ASN A CG  1 
ATOM   287 O OD1 . ASN A 1 37 ? 1.798   7.872   -10.102 1.00 74.51 ? 38  ASN A OD1 1 
ATOM   288 N ND2 . ASN A 1 37 ? 1.341   9.749   -8.944  1.00 64.35 ? 38  ASN A ND2 1 
ATOM   289 N N   . GLY A 1 38 ? -3.588  7.974   -8.236  1.00 68.95 ? 39  GLY A N   1 
ATOM   290 C CA  . GLY A 1 38 ? -5.017  8.196   -8.328  1.00 71.72 ? 39  GLY A CA  1 
ATOM   291 C C   . GLY A 1 38 ? -5.774  7.002   -8.858  1.00 66.70 ? 39  GLY A C   1 
ATOM   292 O O   . GLY A 1 38 ? -6.811  6.622   -8.310  1.00 68.25 ? 39  GLY A O   1 
ATOM   293 N N   . LYS A 1 39 ? -5.255  6.397   -9.919  1.00 68.65 ? 40  LYS A N   1 
ATOM   294 C CA  . LYS A 1 39 ? -5.922  5.297   -10.588 1.00 74.18 ? 40  LYS A CA  1 
ATOM   295 C C   . LYS A 1 39 ? -4.992  4.100   -10.660 1.00 66.84 ? 40  LYS A C   1 
ATOM   296 O O   . LYS A 1 39 ? -3.771  4.252   -10.702 1.00 68.94 ? 40  LYS A O   1 
ATOM   297 C CB  . LYS A 1 39 ? -6.356  5.696   -12.003 1.00 76.22 ? 40  LYS A CB  1 
ATOM   298 C CG  . LYS A 1 39 ? -7.018  7.071   -12.075 1.00 83.07 ? 40  LYS A CG  1 
ATOM   299 C CD  . LYS A 1 39 ? -7.057  7.610   -13.504 1.00 83.11 ? 40  LYS A CD  1 
ATOM   300 N N   . GLY A 1 40 ? -5.586  2.909   -10.690 1.00 66.30 ? 41  GLY A N   1 
ATOM   301 C CA  . GLY A 1 40 ? -4.838  1.686   -10.915 1.00 67.47 ? 41  GLY A CA  1 
ATOM   302 C C   . GLY A 1 40 ? -4.135  1.173   -9.673  1.00 66.49 ? 41  GLY A C   1 
ATOM   303 O O   . GLY A 1 40 ? -4.625  1.343   -8.553  1.00 68.15 ? 41  GLY A O   1 
ATOM   304 N N   . GLY A 1 41 ? -2.975  0.558   -9.850  1.00 65.71 ? 42  GLY A N   1 
ATOM   305 C CA  . GLY A 1 41 ? -2.249  0.036   -8.712  1.00 63.59 ? 42  GLY A CA  1 
ATOM   306 C C   . GLY A 1 41 ? -2.721  -1.354  -8.380  1.00 63.17 ? 42  GLY A C   1 
ATOM   307 O O   . GLY A 1 41 ? -3.225  -2.052  -9.256  1.00 68.65 ? 42  GLY A O   1 
ATOM   308 N N   . ASN A 1 42 ? -2.574  -1.776  -7.132  1.00 57.95 ? 43  ASN A N   1 
ATOM   309 C CA  . ASN A 1 42 ? -2.949  -3.123  -6.754  1.00 55.26 ? 43  ASN A CA  1 
ATOM   310 C C   . ASN A 1 42 ? -3.544  -3.041  -5.365  1.00 53.76 ? 43  ASN A C   1 
ATOM   311 O O   . ASN A 1 42 ? -3.836  -1.952  -4.873  1.00 57.98 ? 43  ASN A O   1 
ATOM   312 C CB  . ASN A 1 42 ? -1.748  -4.073  -6.845  1.00 59.12 ? 43  ASN A CB  1 
ATOM   313 C CG  . ASN A 1 42 ? -0.538  -3.571  -6.071  1.00 62.06 ? 43  ASN A CG  1 
ATOM   314 O OD1 . ASN A 1 42 ? -0.680  -2.895  -5.053  1.00 57.21 ? 43  ASN A OD1 1 
ATOM   315 N ND2 . ASN A 1 42 ? 0.668   -3.915  -6.548  1.00 56.48 ? 43  ASN A ND2 1 
ATOM   316 N N   . ALA A 1 43 ? -3.688  -4.186  -4.706  1.00 51.16 ? 44  ALA A N   1 
ATOM   317 C CA  . ALA A 1 43 ? -4.386  -4.220  -3.429  1.00 55.56 ? 44  ALA A CA  1 
ATOM   318 C C   . ALA A 1 43 ? -3.492  -3.915  -2.232  1.00 54.88 ? 44  ALA A C   1 
ATOM   319 O O   . ALA A 1 43 ? -4.001  -3.818  -1.111  1.00 55.09 ? 44  ALA A O   1 
ATOM   320 C CB  . ALA A 1 43 ? -5.066  -5.584  -3.231  1.00 57.83 ? 44  ALA A CB  1 
ATOM   321 N N   . ASN A 1 44 ? -2.185  -3.734  -2.423  1.00 55.26 ? 45  ASN A N   1 
ATOM   322 C CA  . ASN A 1 44 ? -1.310  -3.357  -1.310  1.00 55.38 ? 45  ASN A CA  1 
ATOM   323 C C   . ASN A 1 44 ? -1.264  -1.836  -1.212  1.00 54.66 ? 45  ASN A C   1 
ATOM   324 O O   . ASN A 1 44 ? -0.260  -1.181  -1.489  1.00 54.89 ? 45  ASN A O   1 
ATOM   325 C CB  . ASN A 1 44 ? 0.077   -3.956  -1.486  1.00 57.62 ? 45  ASN A CB  1 
ATOM   326 C CG  . ASN A 1 44 ? 0.887   -3.907  -0.213  1.00 56.41 ? 45  ASN A CG  1 
ATOM   327 O OD1 . ASN A 1 44 ? 0.400   -3.463  0.845   1.00 51.34 ? 45  ASN A OD1 1 
ATOM   328 N ND2 . ASN A 1 44 ? 2.138   -4.342  -0.301  1.00 52.60 ? 45  ASN A ND2 1 
ATOM   329 N N   . ASN A 1 45 ? -2.402  -1.284  -0.802  1.00 52.40 ? 46  ASN A N   1 
ATOM   330 C CA  . ASN A 1 45 ? -2.670  0.147   -0.934  1.00 51.96 ? 46  ASN A CA  1 
ATOM   331 C C   . ASN A 1 45 ? -3.778  0.451   0.076   1.00 53.71 ? 46  ASN A C   1 
ATOM   332 O O   . ASN A 1 45 ? -4.927  0.080   -0.150  1.00 54.50 ? 46  ASN A O   1 
ATOM   333 C CB  . ASN A 1 45 ? -3.097  0.459   -2.365  1.00 58.18 ? 46  ASN A CB  1 
ATOM   334 C CG  . ASN A 1 45 ? -3.435  1.926   -2.600  1.00 56.60 ? 46  ASN A CG  1 
ATOM   335 O OD1 . ASN A 1 45 ? -3.810  2.651   -1.689  1.00 65.12 ? 46  ASN A OD1 1 
ATOM   336 N ND2 . ASN A 1 45 ? -3.337  2.352   -3.848  1.00 55.80 ? 46  ASN A ND2 1 
ATOM   337 N N   . PHE A 1 46 ? -3.425  1.068   1.192   1.00 54.05 ? 47  PHE A N   1 
ATOM   338 C CA  . PHE A 1 46 ? -4.389  1.316   2.252   1.00 55.98 ? 47  PHE A CA  1 
ATOM   339 C C   . PHE A 1 46 ? -4.529  2.809   2.494   1.00 58.92 ? 47  PHE A C   1 
ATOM   340 O O   . PHE A 1 46 ? -3.578  3.576   2.308   1.00 57.30 ? 47  PHE A O   1 
ATOM   341 C CB  . PHE A 1 46 ? -3.976  0.653   3.553   1.00 54.44 ? 47  PHE A CB  1 
ATOM   342 C CG  . PHE A 1 46 ? -3.763  -0.830  3.452   1.00 59.55 ? 47  PHE A CG  1 
ATOM   343 C CD1 . PHE A 1 46 ? -4.769  -1.712  3.810   1.00 60.13 ? 47  PHE A CD1 1 
ATOM   344 C CD2 . PHE A 1 46 ? -2.546  -1.340  3.046   1.00 56.93 ? 47  PHE A CD2 1 
ATOM   345 C CE1 . PHE A 1 46 ? -4.570  -3.082  3.739   1.00 61.47 ? 47  PHE A CE1 1 
ATOM   346 C CE2 . PHE A 1 46 ? -2.341  -2.695  2.975   1.00 55.27 ? 47  PHE A CE2 1 
ATOM   347 C CZ  . PHE A 1 46 ? -3.353  -3.576  3.330   1.00 57.74 ? 47  PHE A CZ  1 
ATOM   348 N N   . ILE A 1 47 ? -5.714  3.215   2.948   1.00 56.37 ? 48  ILE A N   1 
ATOM   349 C CA  . ILE A 1 47 ? -5.956  4.631   3.221   1.00 55.59 ? 48  ILE A CA  1 
ATOM   350 C C   . ILE A 1 47 ? -5.302  5.043   4.527   1.00 62.45 ? 48  ILE A C   1 
ATOM   351 O O   . ILE A 1 47 ? -4.826  6.176   4.671   1.00 60.73 ? 48  ILE A O   1 
ATOM   352 C CB  . ILE A 1 47 ? -7.467  4.921   3.253   1.00 60.73 ? 48  ILE A CB  1 
ATOM   353 C CG1 . ILE A 1 47 ? -8.116  4.565   1.924   1.00 65.53 ? 48  ILE A CG1 1 
ATOM   354 C CG2 . ILE A 1 47 ? -7.701  6.382   3.588   1.00 61.52 ? 48  ILE A CG2 1 
ATOM   355 C CD1 . ILE A 1 47 ? -8.262  5.738   0.971   1.00 68.93 ? 48  ILE A CD1 1 
ATOM   356 N N   . HIS A 1 48 ? -5.277  4.141   5.505   1.00 58.96 ? 49  HIS A N   1 
ATOM   357 C CA  . HIS A 1 48 ? -4.741  4.438   6.818   1.00 58.43 ? 49  HIS A CA  1 
ATOM   358 C C   . HIS A 1 48 ? -3.781  3.355   7.255   1.00 59.76 ? 49  HIS A C   1 
ATOM   359 O O   . HIS A 1 48 ? -3.831  2.214   6.781   1.00 58.43 ? 49  HIS A O   1 
ATOM   360 C CB  . HIS A 1 48 ? -5.850  4.587   7.870   1.00 53.91 ? 49  HIS A CB  1 
ATOM   361 C CG  . HIS A 1 48 ? -6.546  5.895   7.784   1.00 57.59 ? 49  HIS A CG  1 
ATOM   362 N ND1 . HIS A 1 48 ? -7.812  6.023   7.268   1.00 58.91 ? 49  HIS A ND1 1 
ATOM   363 C CD2 . HIS A 1 48 ? -6.124  7.144   8.078   1.00 55.26 ? 49  HIS A CD2 1 
ATOM   364 C CE1 . HIS A 1 48 ? -8.155  7.294   7.279   1.00 57.05 ? 49  HIS A CE1 1 
ATOM   365 N NE2 . HIS A 1 48 ? -7.151  7.997   7.762   1.00 52.46 ? 49  HIS A NE2 1 
ATOM   366 N N   . THR A 1 49 ? -2.919  3.743   8.198   1.00 61.06 ? 50  THR A N   1 
ATOM   367 C CA  . THR A 1 49 ? -1.908  2.833   8.707   1.00 59.27 ? 50  THR A CA  1 
ATOM   368 C C   . THR A 1 49 ? -2.551  1.678   9.442   1.00 57.83 ? 50  THR A C   1 
ATOM   369 O O   . THR A 1 49 ? -2.143  0.525   9.276   1.00 58.92 ? 50  THR A O   1 
ATOM   370 C CB  . THR A 1 49 ? -0.953  3.592   9.627   1.00 64.58 ? 50  THR A CB  1 
ATOM   371 O OG1 . THR A 1 49 ? -0.360  4.671   8.896   1.00 60.10 ? 50  THR A OG1 1 
ATOM   372 C CG2 . THR A 1 49 ? 0.137   2.681   10.118  1.00 64.64 ? 50  THR A CG2 1 
ATOM   373 N N   . PHE A 1 50 ? -3.567  1.969   10.253  1.00 56.09 ? 51  PHE A N   1 
ATOM   374 C CA  . PHE A 1 50 ? -4.263  0.911   10.972  1.00 56.04 ? 51  PHE A CA  1 
ATOM   375 C C   . PHE A 1 50 ? -4.757  -0.183  10.024  1.00 55.69 ? 51  PHE A C   1 
ATOM   376 O O   . PHE A 1 50 ? -4.612  -1.379  10.299  1.00 62.63 ? 51  PHE A O   1 
ATOM   377 C CB  . PHE A 1 50 ? -5.432  1.500   11.763  1.00 54.78 ? 51  PHE A CB  1 
ATOM   378 C CG  . PHE A 1 50 ? -6.298  0.449   12.381  1.00 64.61 ? 51  PHE A CG  1 
ATOM   379 C CD1 . PHE A 1 50 ? -5.881  -0.218  13.510  1.00 65.14 ? 51  PHE A CD1 1 
ATOM   380 C CD2 . PHE A 1 50 ? -7.509  0.104   11.816  1.00 63.80 ? 51  PHE A CD2 1 
ATOM   381 C CE1 . PHE A 1 50 ? -6.661  -1.202  14.075  1.00 65.75 ? 51  PHE A CE1 1 
ATOM   382 C CE2 . PHE A 1 50 ? -8.292  -0.875  12.375  1.00 62.79 ? 51  PHE A CE2 1 
ATOM   383 C CZ  . PHE A 1 50 ? -7.874  -1.524  13.505  1.00 64.20 ? 51  PHE A CZ  1 
ATOM   384 N N   . ASP A 1 51 ? -5.364  0.213   8.906   1.00 57.43 ? 52  ASP A N   1 
ATOM   385 C CA  . ASP A 1 51 ? -5.849  -0.766  7.935   1.00 58.07 ? 52  ASP A CA  1 
ATOM   386 C C   . ASP A 1 51 ? -4.732  -1.711  7.533   1.00 61.64 ? 52  ASP A C   1 
ATOM   387 O O   . ASP A 1 51 ? -4.913  -2.931  7.466   1.00 65.28 ? 52  ASP A O   1 
ATOM   388 C CB  . ASP A 1 51 ? -6.380  -0.060  6.687   1.00 59.78 ? 52  ASP A CB  1 
ATOM   389 C CG  . ASP A 1 51 ? -7.297  1.080   7.008   1.00 58.15 ? 52  ASP A CG  1 
ATOM   390 O OD1 . ASP A 1 51 ? -7.608  1.290   8.194   1.00 68.13 ? 52  ASP A OD1 1 
ATOM   391 O OD2 . ASP A 1 51 ? -7.708  1.765   6.053   1.00 62.15 ? 52  ASP A OD2 1 
ATOM   392 N N   . CYS A 1 52 ? -3.560  -1.148  7.259   1.00 57.66 ? 53  CYS A N   1 
ATOM   393 C CA  . CYS A 1 52 ? -2.432  -1.947  6.825   1.00 58.62 ? 53  CYS A CA  1 
ATOM   394 C C   . CYS A 1 52 ? -1.966  -2.864  7.942   1.00 62.80 ? 53  CYS A C   1 
ATOM   395 O O   . CYS A 1 52 ? -1.878  -4.084  7.762   1.00 62.32 ? 53  CYS A O   1 
ATOM   396 C CB  . CYS A 1 52 ? -1.309  -1.015  6.356   1.00 52.99 ? 53  CYS A CB  1 
ATOM   397 S SG  . CYS A 1 52 ? 0.162   -1.881  5.846   1.00 57.63 ? 53  CYS A SG  1 
ATOM   398 N N   . GLN A 1 53 ? -1.689  -2.295  9.116   1.00 60.55 ? 54  GLN A N   1 
ATOM   399 C CA  . GLN A 1 53 ? -1.178  -3.100  10.216  1.00 62.72 ? 54  GLN A CA  1 
ATOM   400 C C   . GLN A 1 53 ? -2.145  -4.190  10.610  1.00 64.82 ? 54  GLN A C   1 
ATOM   401 O O   . GLN A 1 53 ? -1.718  -5.291  10.968  1.00 68.60 ? 54  GLN A O   1 
ATOM   402 C CB  . GLN A 1 53 ? -0.885  -2.224  11.420  1.00 67.30 ? 54  GLN A CB  1 
ATOM   403 C CG  . GLN A 1 53 ? 0.024   -1.104  11.069  1.00 71.34 ? 54  GLN A CG  1 
ATOM   404 C CD  . GLN A 1 53 ? 0.561   -0.420  12.279  1.00 78.47 ? 54  GLN A CD  1 
ATOM   405 O OE1 . GLN A 1 53 ? -0.204  0.046   13.123  1.00 84.32 ? 54  GLN A OE1 1 
ATOM   406 N NE2 . GLN A 1 53 ? 1.892   -0.367  12.390  1.00 70.22 ? 54  GLN A NE2 1 
ATOM   407 N N   . HIS A 1 54 ? -3.443  -3.912  10.543  1.00 64.60 ? 55  HIS A N   1 
ATOM   408 C CA  . HIS A 1 54 ? -4.422  -4.915  10.927  1.00 66.15 ? 55  HIS A CA  1 
ATOM   409 C C   . HIS A 1 54 ? -4.536  -6.027  9.894   1.00 66.83 ? 55  HIS A C   1 
ATOM   410 O O   . HIS A 1 54 ? -4.866  -7.159  10.250  1.00 66.35 ? 55  HIS A O   1 
ATOM   411 C CB  . HIS A 1 54 ? -5.782  -4.257  11.147  1.00 65.10 ? 55  HIS A CB  1 
ATOM   412 C CG  . HIS A 1 54 ? -6.769  -5.138  11.833  1.00 66.51 ? 55  HIS A CG  1 
ATOM   413 N ND1 . HIS A 1 54 ? -6.689  -5.440  13.175  1.00 71.19 ? 55  HIS A ND1 1 
ATOM   414 C CD2 . HIS A 1 54 ? -7.866  -5.776  11.365  1.00 70.23 ? 55  HIS A CD2 1 
ATOM   415 C CE1 . HIS A 1 54 ? -7.696  -6.231  13.504  1.00 68.52 ? 55  HIS A CE1 1 
ATOM   416 N NE2 . HIS A 1 54 ? -8.422  -6.447  12.425  1.00 71.08 ? 55  HIS A NE2 1 
ATOM   417 N N   . THR A 1 55 ? -4.272  -5.733  8.622   1.00 66.14 ? 56  THR A N   1 
ATOM   418 C CA  . THR A 1 55 ? -4.385  -6.742  7.571   1.00 61.11 ? 56  THR A CA  1 
ATOM   419 C C   . THR A 1 55 ? -3.130  -7.597  7.444   1.00 64.04 ? 56  THR A C   1 
ATOM   420 O O   . THR A 1 55 ? -3.215  -8.810  7.239   1.00 70.54 ? 56  THR A O   1 
ATOM   421 C CB  . THR A 1 55 ? -4.675  -6.064  6.233   1.00 59.11 ? 56  THR A CB  1 
ATOM   422 O OG1 . THR A 1 55 ? -5.833  -5.243  6.368   1.00 61.81 ? 56  THR A OG1 1 
ATOM   423 C CG2 . THR A 1 55 ? -4.914  -7.082  5.147   1.00 56.76 ? 56  THR A CG2 1 
ATOM   424 N N   . CYS A 1 56 ? -1.954  -6.994  7.568   1.00 64.64 ? 57  CYS A N   1 
ATOM   425 C CA  . CYS A 1 56 ? -0.711  -7.688  7.271   1.00 63.19 ? 57  CYS A CA  1 
ATOM   426 C C   . CYS A 1 56 ? 0.153   -7.900  8.507   1.00 69.95 ? 57  CYS A C   1 
ATOM   427 O O   . CYS A 1 56 ? 1.250   -8.451  8.402   1.00 71.08 ? 57  CYS A O   1 
ATOM   428 C CB  . CYS A 1 56 ? 0.049   -6.922  6.187   1.00 61.59 ? 57  CYS A CB  1 
ATOM   429 S SG  . CYS A 1 56 ? -0.836  -6.833  4.611   1.00 58.79 ? 57  CYS A SG  1 
ATOM   430 N N   . LEU A 1 57 ? -0.326  -7.509  9.676   1.00 76.32 ? 58  LEU A N   1 
ATOM   431 C CA  . LEU A 1 57 ? 0.348   -7.848  10.926  1.00 80.12 ? 58  LEU A CA  1 
ATOM   432 C C   . LEU A 1 57 ? -0.676  -8.476  11.888  1.00 86.17 ? 58  LEU A C   1 
ATOM   433 O O   . LEU A 1 57 ? -1.570  -9.225  11.462  1.00 83.81 ? 58  LEU A O   1 
ATOM   434 C CB  . LEU A 1 57 ? 1.029   -6.609  11.544  1.00 76.88 ? 58  LEU A CB  1 
ATOM   435 C CG  . LEU A 1 57 ? 2.110   -5.935  10.685  1.00 71.68 ? 58  LEU A CG  1 
ATOM   436 C CD1 . LEU A 1 57 ? 2.585   -4.640  11.295  1.00 74.77 ? 58  LEU A CD1 1 
ATOM   437 C CD2 . LEU A 1 57 ? 3.294   -6.862  10.483  1.00 74.14 ? 58  LEU A CD2 1 
HETATM 438 S S   . SO4 B 2 .  ? 13.984  -2.555  1.171   0.33 61.29 ? 101 SO4 A S   1 
HETATM 439 O O1  . SO4 B 2 .  ? 14.926  -2.791  2.260   0.33 60.32 ? 101 SO4 A O1  1 
HETATM 440 O O2  . SO4 B 2 .  ? 14.560  -1.620  0.209   0.33 59.16 ? 101 SO4 A O2  1 
HETATM 441 O O3  . SO4 B 2 .  ? 13.680  -3.806  0.485   0.33 58.65 ? 101 SO4 A O3  1 
HETATM 442 O O4  . SO4 B 2 .  ? 12.748  -1.991  1.707   0.33 59.34 ? 101 SO4 A O4  1 
HETATM 443 S S   . SO4 C 2 .  ? -12.360 4.669   1.007   1.00 65.55 ? 102 SO4 A S   1 
HETATM 444 O O1  . SO4 C 2 .  ? -12.132 3.830   2.178   1.00 69.27 ? 102 SO4 A O1  1 
HETATM 445 O O2  . SO4 C 2 .  ? -12.348 6.071   1.411   1.00 64.73 ? 102 SO4 A O2  1 
HETATM 446 O O3  . SO4 C 2 .  ? -13.676 4.311   0.478   1.00 68.52 ? 102 SO4 A O3  1 
HETATM 447 O O4  . SO4 C 2 .  ? -11.342 4.408   0.001   1.00 74.65 ? 102 SO4 A O4  1 
HETATM 448 C C1  . CIT D 3 .  ? -4.845  -16.051 0.221   0.82 93.67 ? 103 CIT A C1  1 
HETATM 449 O O1  . CIT D 3 .  ? -4.042  -16.956 -0.107  0.82 90.85 ? 103 CIT A O1  1 
HETATM 450 O O2  . CIT D 3 .  ? -5.851  -16.346 0.900   0.82 98.24 ? 103 CIT A O2  1 
HETATM 451 C C2  . CIT D 3 .  ? -4.608  -14.627 -0.218  0.82 86.56 ? 103 CIT A C2  1 
HETATM 452 C C3  . CIT D 3 .  ? -5.890  -13.807 -0.153  0.82 90.13 ? 103 CIT A C3  1 
HETATM 453 O O7  . CIT D 3 .  ? -6.602  -14.188 1.056   0.82 92.82 ? 103 CIT A O7  1 
HETATM 454 C C4  . CIT D 3 .  ? -6.751  -14.117 -1.376  0.82 88.41 ? 103 CIT A C4  1 
HETATM 455 C C5  . CIT D 3 .  ? -5.856  -14.467 -2.547  0.82 95.20 ? 103 CIT A C5  1 
HETATM 456 O O3  . CIT D 3 .  ? -5.298  -13.549 -3.184  0.82 98.67 ? 103 CIT A O3  1 
HETATM 457 O O4  . CIT D 3 .  ? -5.659  -15.650 -2.913  0.82 95.83 ? 103 CIT A O4  1 
HETATM 458 C C6  . CIT D 3 .  ? -5.607  -12.298 -0.076  0.82 93.76 ? 103 CIT A C6  1 
HETATM 459 O O5  . CIT D 3 .  ? -4.693  -11.754 -0.746  0.82 84.62 ? 103 CIT A O5  1 
HETATM 460 O O6  . CIT D 3 .  ? -6.297  -11.557 0.665   0.82 92.74 ? 103 CIT A O6  1 
HETATM 461 O O   . HOH E 4 .  ? 8.824   2.596   1.248   1.00 56.30 ? 201 HOH A O   1 
HETATM 462 O O   . HOH E 4 .  ? 8.134   4.869   2.506   1.00 51.02 ? 202 HOH A O   1 
HETATM 463 O O   . HOH E 4 .  ? 0.355   -0.667  -3.969  1.00 50.72 ? 203 HOH A O   1 
HETATM 464 O O   . HOH E 4 .  ? -1.297  0.516   -5.544  1.00 55.55 ? 204 HOH A O   1 
HETATM 465 O O   . HOH E 4 .  ? 3.926   -1.033  10.654  1.00 62.73 ? 205 HOH A O   1 
HETATM 466 O O   . HOH E 4 .  ? 8.970   -5.883  0.505   1.00 57.16 ? 206 HOH A O   1 
HETATM 467 O O   . HOH E 4 .  ? -4.222  -4.451  14.421  1.00 66.23 ? 207 HOH A O   1 
HETATM 468 O O   . HOH E 4 .  ? 5.067   2.337   -8.951  1.00 52.97 ? 208 HOH A O   1 
HETATM 469 O O   . HOH E 4 .  ? 10.774  -3.985  -0.518  1.00 57.58 ? 209 HOH A O   1 
HETATM 470 O O   . HOH E 4 .  ? 6.430   5.723   6.488   1.00 59.43 ? 210 HOH A O   1 
# 
